data_2FB2
#
_entry.id   2FB2
#
_cell.length_a   47.965
_cell.length_b   101.293
_cell.length_c   190.127
_cell.angle_alpha   90.00
_cell.angle_beta   90.00
_cell.angle_gamma   90.00
#
_symmetry.space_group_name_H-M   'P 21 21 21'
#
loop_
_entity.id
_entity.type
_entity.pdbx_description
1 polymer 'Molybdenum cofactor biosynthesis protein A'
2 non-polymer 'SULFATE ION'
3 non-polymer S-ADENOSYLMETHIONINE
4 non-polymer 'IRON/SULFUR CLUSTER'
5 water water
#
_entity_poly.entity_id   1
_entity_poly.type   'polypeptide(L)'
_entity_poly.pdbx_seq_one_letter_code
;MVEQIKDKLGRPIRDLALSVTDRCNFRCDYCMPKEVFGDDFVFLPKNELLTFDEMARIAKVYAELGVKKIRITGGEPLMR
RDLDVLIAKLNQIDGIEDIGLTTNGLLLKKHGQKLYDAGLRRINVSLDAIDDTLFQSINNRNIKATTILEQIDYATSIGL
NVKVNVVIQKGINDDQIIPMLEYFKDKHIEIRFIEFMDVGNDNGWDFSKVVTKDEMLTMIEQHFEIDPVEPKYFGEVAKY
YRHKDNGVQFGLITSVSQSFCSTCTAAALSSDGKFYGCLFATVDGFNVKAFIRSGVTDEELKEQFKALWQIRDDRYSDER
TAQTVANRQRKKINMNYIGG
;
_entity_poly.pdbx_strand_id   A,B
#
# COMPACT_ATOMS: atom_id res chain seq x y z
N GLU A 3 12.45 2.45 -24.98
CA GLU A 3 12.45 1.01 -24.53
C GLU A 3 11.89 0.83 -23.11
N GLN A 4 12.01 1.86 -22.27
CA GLN A 4 11.26 1.91 -20.98
C GLN A 4 10.58 3.27 -20.75
N ILE A 5 9.26 3.24 -20.69
CA ILE A 5 8.43 4.42 -20.54
C ILE A 5 7.88 4.43 -19.12
N LYS A 6 7.77 5.62 -18.54
CA LYS A 6 7.22 5.83 -17.21
C LYS A 6 6.09 6.85 -17.27
N ASP A 7 5.08 6.66 -16.43
CA ASP A 7 3.90 7.52 -16.41
C ASP A 7 4.09 8.68 -15.42
N LYS A 8 3.04 9.42 -15.09
CA LYS A 8 3.22 10.64 -14.22
C LYS A 8 3.59 10.30 -12.77
N LEU A 9 3.33 9.07 -12.36
CA LEU A 9 3.64 8.64 -11.01
C LEU A 9 4.94 7.82 -10.97
N GLY A 10 5.69 7.86 -12.07
CA GLY A 10 6.96 7.16 -12.22
C GLY A 10 6.89 5.66 -12.50
N ARG A 11 5.73 5.18 -12.93
CA ARG A 11 5.48 3.74 -13.09
C ARG A 11 5.77 3.31 -14.55
N PRO A 12 6.61 2.28 -14.75
CA PRO A 12 6.90 1.80 -16.09
C PRO A 12 5.75 0.98 -16.69
N ILE A 13 5.69 0.88 -18.01
CA ILE A 13 4.67 0.02 -18.60
C ILE A 13 5.22 -1.40 -18.66
N ARG A 14 4.44 -2.35 -18.18
CA ARG A 14 4.89 -3.73 -18.20
C ARG A 14 3.83 -4.72 -18.70
N ASP A 15 2.55 -4.48 -18.39
CA ASP A 15 1.47 -5.41 -18.73
C ASP A 15 0.42 -4.79 -19.65
N LEU A 16 -0.19 -5.61 -20.50
CA LEU A 16 -1.32 -5.20 -21.31
C LEU A 16 -2.49 -6.17 -21.09
N ALA A 17 -3.60 -5.68 -20.55
CA ALA A 17 -4.84 -6.47 -20.52
C ALA A 17 -5.55 -6.27 -21.86
N LEU A 18 -5.80 -7.35 -22.59
CA LEU A 18 -6.50 -7.29 -23.86
C LEU A 18 -7.88 -7.85 -23.65
N SER A 19 -8.88 -7.00 -23.78
CA SER A 19 -10.25 -7.46 -23.79
C SER A 19 -10.64 -7.86 -25.20
N VAL A 20 -11.05 -9.12 -25.37
CA VAL A 20 -11.27 -9.64 -26.70
C VAL A 20 -12.74 -9.77 -27.09
N THR A 21 -13.62 -9.59 -26.12
CA THR A 21 -15.05 -9.55 -26.41
C THR A 21 -15.79 -8.88 -25.29
N ASP A 22 -16.95 -8.32 -25.61
CA ASP A 22 -17.86 -7.82 -24.60
C ASP A 22 -18.94 -8.84 -24.20
N ARG A 23 -18.96 -9.97 -24.88
CA ARG A 23 -20.02 -10.98 -24.67
C ARG A 23 -19.65 -11.85 -23.50
N CYS A 24 -20.64 -12.45 -22.85
CA CYS A 24 -20.33 -13.43 -21.80
C CYS A 24 -21.39 -14.52 -21.71
N ASN A 25 -20.97 -15.68 -21.20
CA ASN A 25 -21.97 -16.76 -20.97
C ASN A 25 -22.51 -16.80 -19.55
N PHE A 26 -21.98 -15.96 -18.66
CA PHE A 26 -22.59 -15.78 -17.32
C PHE A 26 -23.24 -14.39 -17.24
N ARG A 27 -24.07 -14.19 -16.19
CA ARG A 27 -24.59 -12.85 -15.84
C ARG A 27 -24.38 -12.61 -14.33
N CYS A 28 -23.11 -12.66 -13.92
CA CYS A 28 -22.75 -12.46 -12.52
C CYS A 28 -23.32 -11.12 -12.02
N ASP A 29 -23.97 -11.16 -10.86
CA ASP A 29 -24.74 -10.01 -10.36
C ASP A 29 -23.87 -8.76 -10.26
N TYR A 30 -22.65 -8.94 -9.80
CA TYR A 30 -21.79 -7.80 -9.49
C TYR A 30 -20.99 -7.31 -10.70
N CYS A 31 -21.16 -7.95 -11.86
CA CYS A 31 -20.36 -7.66 -13.06
C CYS A 31 -21.24 -7.42 -14.30
N MET A 32 -22.03 -8.44 -14.67
CA MET A 32 -22.95 -8.30 -15.79
C MET A 32 -24.37 -8.63 -15.33
N PRO A 33 -24.95 -7.76 -14.48
CA PRO A 33 -26.25 -8.14 -13.93
C PRO A 33 -27.27 -8.19 -15.07
N LYS A 34 -28.17 -9.16 -15.02
CA LYS A 34 -29.10 -9.35 -16.12
C LYS A 34 -30.11 -8.18 -16.24
N GLU A 35 -30.26 -7.38 -15.19
CA GLU A 35 -31.10 -6.16 -15.19
C GLU A 35 -30.56 -5.13 -16.17
N VAL A 36 -29.23 -5.11 -16.32
CA VAL A 36 -28.56 -4.25 -17.28
C VAL A 36 -28.31 -5.01 -18.59
N PHE A 37 -27.69 -6.18 -18.49
CA PHE A 37 -27.34 -6.98 -19.66
C PHE A 37 -28.43 -8.04 -19.90
N GLY A 38 -29.62 -7.57 -20.28
CA GLY A 38 -30.78 -8.46 -20.44
C GLY A 38 -31.15 -8.65 -21.89
N ASP A 39 -32.42 -9.00 -22.13
CA ASP A 39 -32.93 -9.36 -23.46
C ASP A 39 -32.70 -8.27 -24.50
N ASP A 40 -32.75 -7.01 -24.09
CA ASP A 40 -32.66 -5.92 -25.04
C ASP A 40 -31.29 -5.24 -25.05
N PHE A 41 -30.29 -5.84 -24.42
CA PHE A 41 -28.99 -5.25 -24.44
C PHE A 41 -28.36 -5.54 -25.78
N VAL A 42 -27.75 -4.51 -26.37
CA VAL A 42 -27.12 -4.66 -27.66
C VAL A 42 -25.61 -4.65 -27.47
N PHE A 43 -24.97 -5.75 -27.85
CA PHE A 43 -23.52 -5.89 -27.76
C PHE A 43 -22.87 -5.29 -29.01
N LEU A 44 -21.54 -5.21 -29.00
CA LEU A 44 -20.83 -4.57 -30.10
C LEU A 44 -21.06 -5.31 -31.41
N PRO A 45 -21.36 -4.57 -32.50
CA PRO A 45 -21.36 -5.23 -33.80
C PRO A 45 -19.96 -5.80 -34.03
N LYS A 46 -19.87 -6.85 -34.83
CA LYS A 46 -18.65 -7.65 -34.90
C LYS A 46 -17.46 -6.89 -35.51
N ASN A 47 -17.75 -6.02 -36.47
CA ASN A 47 -16.77 -5.14 -37.11
C ASN A 47 -16.20 -4.04 -36.20
N GLU A 48 -16.90 -3.72 -35.10
CA GLU A 48 -16.42 -2.74 -34.13
C GLU A 48 -15.44 -3.33 -33.11
N LEU A 49 -15.21 -4.64 -33.20
CA LEU A 49 -14.17 -5.29 -32.39
C LEU A 49 -12.84 -5.18 -33.15
N LEU A 50 -11.74 -5.20 -32.41
CA LEU A 50 -10.42 -5.29 -33.01
C LEU A 50 -10.23 -6.66 -33.60
N THR A 51 -9.59 -6.72 -34.77
CA THR A 51 -9.23 -8.00 -35.35
C THR A 51 -7.99 -8.51 -34.63
N PHE A 52 -7.69 -9.79 -34.79
CA PHE A 52 -6.47 -10.38 -34.23
C PHE A 52 -5.21 -9.75 -34.79
N ASP A 53 -5.21 -9.43 -36.08
CA ASP A 53 -4.09 -8.72 -36.70
C ASP A 53 -3.84 -7.36 -36.07
N GLU A 54 -4.91 -6.62 -35.79
CA GLU A 54 -4.79 -5.31 -35.11
C GLU A 54 -4.24 -5.47 -33.69
N MET A 55 -4.78 -6.44 -32.95
CA MET A 55 -4.31 -6.72 -31.59
C MET A 55 -2.82 -7.11 -31.52
N ALA A 56 -2.36 -7.86 -32.52
CA ALA A 56 -0.97 -8.35 -32.57
C ALA A 56 -0.07 -7.20 -32.96
N ARG A 57 -0.53 -6.36 -33.87
CA ARG A 57 0.20 -5.15 -34.21
C ARG A 57 0.36 -4.27 -32.96
N ILE A 58 -0.73 -4.05 -32.24
CA ILE A 58 -0.71 -3.25 -31.01
C ILE A 58 0.25 -3.83 -29.96
N ALA A 59 0.19 -5.14 -29.73
CA ALA A 59 1.08 -5.80 -28.75
C ALA A 59 2.56 -5.73 -29.14
N LYS A 60 2.82 -5.74 -30.44
CA LYS A 60 4.17 -5.66 -30.97
C LYS A 60 4.83 -4.33 -30.64
N VAL A 61 4.15 -3.25 -31.00
CA VAL A 61 4.58 -1.91 -30.68
C VAL A 61 4.68 -1.71 -29.15
N TYR A 62 3.67 -2.13 -28.39
CA TYR A 62 3.78 -2.11 -26.92
C TYR A 62 4.99 -2.91 -26.36
N ALA A 63 5.32 -4.04 -26.97
CA ALA A 63 6.51 -4.81 -26.57
C ALA A 63 7.76 -3.97 -26.78
N GLU A 64 7.78 -3.19 -27.86
CA GLU A 64 8.91 -2.25 -28.10
C GLU A 64 9.06 -1.20 -27.01
N LEU A 65 8.01 -0.97 -26.20
CA LEU A 65 8.01 0.06 -25.17
C LEU A 65 8.11 -0.53 -23.76
N GLY A 66 8.35 -1.83 -23.67
CA GLY A 66 8.62 -2.50 -22.41
C GLY A 66 7.57 -3.47 -21.91
N VAL A 67 6.44 -3.61 -22.63
CA VAL A 67 5.45 -4.64 -22.28
C VAL A 67 5.98 -6.07 -22.46
N LYS A 68 5.86 -6.84 -21.39
CA LYS A 68 6.36 -8.21 -21.32
C LYS A 68 5.22 -9.22 -21.11
N LYS A 69 4.06 -8.74 -20.64
CA LYS A 69 2.99 -9.63 -20.26
C LYS A 69 1.68 -9.18 -20.88
N ILE A 70 0.96 -10.15 -21.46
CA ILE A 70 -0.35 -9.90 -22.02
C ILE A 70 -1.40 -10.77 -21.36
N ARG A 71 -2.45 -10.15 -20.88
CA ARG A 71 -3.54 -10.86 -20.22
C ARG A 71 -4.79 -10.76 -21.09
N ILE A 72 -5.37 -11.92 -21.43
CA ILE A 72 -6.51 -11.98 -22.32
C ILE A 72 -7.73 -12.04 -21.40
N THR A 73 -8.69 -11.18 -21.66
CA THR A 73 -9.85 -11.06 -20.82
C THR A 73 -11.06 -10.63 -21.66
N GLY A 74 -12.13 -10.20 -20.99
CA GLY A 74 -13.38 -9.88 -21.68
C GLY A 74 -14.25 -9.08 -20.70
N GLY A 75 -15.56 -9.33 -20.66
CA GLY A 75 -16.20 -10.46 -21.33
C GLY A 75 -15.65 -11.82 -20.89
N GLU A 76 -16.18 -12.87 -21.48
CA GLU A 76 -15.61 -14.18 -21.33
C GLU A 76 -14.81 -14.42 -22.62
N PRO A 77 -13.49 -14.43 -22.51
CA PRO A 77 -12.66 -14.54 -23.72
C PRO A 77 -12.85 -15.80 -24.59
N LEU A 78 -13.25 -16.92 -23.99
CA LEU A 78 -13.41 -18.17 -24.75
C LEU A 78 -14.61 -18.11 -25.70
N MET A 79 -15.43 -17.11 -25.52
CA MET A 79 -16.50 -16.86 -26.46
C MET A 79 -16.07 -16.19 -27.75
N ARG A 80 -14.87 -15.62 -27.77
CA ARG A 80 -14.36 -15.02 -28.99
C ARG A 80 -13.90 -16.15 -29.95
N ARG A 81 -14.52 -16.21 -31.13
CA ARG A 81 -14.21 -17.26 -32.13
C ARG A 81 -12.72 -17.25 -32.52
N ASP A 82 -12.12 -18.43 -32.64
CA ASP A 82 -10.74 -18.65 -33.13
C ASP A 82 -9.71 -17.88 -32.31
N LEU A 83 -9.89 -17.89 -31.00
CA LEU A 83 -9.02 -17.20 -30.04
C LEU A 83 -7.61 -17.74 -30.10
N ASP A 84 -7.48 -19.04 -30.37
CA ASP A 84 -6.19 -19.71 -30.62
C ASP A 84 -5.40 -19.02 -31.68
N VAL A 85 -6.05 -18.45 -32.70
CA VAL A 85 -5.31 -17.68 -33.73
C VAL A 85 -4.60 -16.49 -33.06
N LEU A 86 -5.31 -15.79 -32.17
CA LEU A 86 -4.70 -14.69 -31.41
C LEU A 86 -3.53 -15.17 -30.55
N ILE A 87 -3.72 -16.24 -29.77
CA ILE A 87 -2.62 -16.76 -28.99
C ILE A 87 -1.38 -17.01 -29.87
N ALA A 88 -1.59 -17.57 -31.07
CA ALA A 88 -0.47 -17.93 -31.95
C ALA A 88 0.27 -16.71 -32.43
N LYS A 89 -0.44 -15.62 -32.68
CA LYS A 89 0.19 -14.41 -33.19
C LYS A 89 0.97 -13.71 -32.08
N LEU A 90 0.39 -13.71 -30.87
CA LEU A 90 1.03 -13.11 -29.70
C LEU A 90 2.28 -13.87 -29.29
N ASN A 91 2.29 -15.17 -29.54
CA ASN A 91 3.44 -16.04 -29.28
C ASN A 91 4.56 -15.78 -30.28
N GLN A 92 4.29 -14.99 -31.33
CA GLN A 92 5.30 -14.68 -32.33
C GLN A 92 6.00 -13.34 -32.09
N ILE A 93 5.65 -12.66 -31.00
CA ILE A 93 6.16 -11.31 -30.72
C ILE A 93 7.33 -11.28 -29.75
N ASP A 94 8.47 -10.73 -30.20
CA ASP A 94 9.67 -10.55 -29.37
C ASP A 94 9.41 -9.60 -28.22
N GLY A 95 9.85 -10.00 -27.02
CA GLY A 95 9.70 -9.17 -25.85
C GLY A 95 8.55 -9.64 -25.00
N ILE A 96 7.55 -10.31 -25.60
CA ILE A 96 6.44 -10.78 -24.81
C ILE A 96 6.90 -12.11 -24.19
N GLU A 97 6.99 -12.12 -22.85
CA GLU A 97 7.45 -13.30 -22.12
C GLU A 97 6.28 -14.16 -21.60
N ASP A 98 5.10 -13.55 -21.37
CA ASP A 98 3.97 -14.25 -20.74
C ASP A 98 2.62 -13.87 -21.35
N ILE A 99 1.79 -14.88 -21.61
CA ILE A 99 0.40 -14.71 -22.03
C ILE A 99 -0.49 -15.45 -21.02
N GLY A 100 -1.47 -14.75 -20.47
CA GLY A 100 -2.33 -15.31 -19.44
C GLY A 100 -3.75 -15.18 -19.94
N LEU A 101 -4.65 -16.02 -19.43
CA LEU A 101 -6.06 -15.96 -19.76
C LEU A 101 -6.89 -15.96 -18.52
N THR A 102 -7.79 -14.99 -18.40
CA THR A 102 -8.73 -14.98 -17.30
C THR A 102 -10.06 -15.46 -17.85
N THR A 103 -10.62 -16.52 -17.29
CA THR A 103 -11.82 -17.12 -17.83
C THR A 103 -12.68 -17.66 -16.68
N ASN A 104 -13.99 -17.76 -16.92
CA ASN A 104 -14.87 -18.51 -16.01
C ASN A 104 -14.68 -20.02 -16.22
N GLY A 105 -13.90 -20.39 -17.24
CA GLY A 105 -13.53 -21.79 -17.47
C GLY A 105 -14.60 -22.66 -18.12
N LEU A 106 -15.82 -22.14 -18.38
CA LEU A 106 -16.90 -23.04 -18.87
C LEU A 106 -16.54 -23.73 -20.19
N LEU A 107 -15.92 -22.98 -21.09
CA LEU A 107 -15.58 -23.52 -22.43
C LEU A 107 -14.18 -24.19 -22.54
N LEU A 108 -13.57 -24.56 -21.42
CA LEU A 108 -12.18 -25.17 -21.45
C LEU A 108 -12.08 -26.53 -22.14
N LYS A 109 -13.09 -27.39 -21.96
CA LYS A 109 -13.11 -28.67 -22.67
C LYS A 109 -13.23 -28.48 -24.15
N LYS A 110 -14.04 -27.50 -24.58
CA LYS A 110 -14.19 -27.17 -25.99
C LYS A 110 -12.94 -26.60 -26.65
N HIS A 111 -12.26 -25.69 -25.95
CA HIS A 111 -11.22 -24.90 -26.61
C HIS A 111 -9.81 -25.05 -26.06
N GLY A 112 -9.68 -25.66 -24.88
CA GLY A 112 -8.39 -25.66 -24.20
C GLY A 112 -7.23 -26.26 -25.00
N GLN A 113 -7.52 -27.34 -25.71
CA GLN A 113 -6.51 -28.02 -26.51
C GLN A 113 -5.97 -27.12 -27.62
N LYS A 114 -6.86 -26.52 -28.40
CA LYS A 114 -6.51 -25.47 -29.39
C LYS A 114 -5.61 -24.40 -28.77
N LEU A 115 -5.92 -24.01 -27.53
CA LEU A 115 -5.23 -22.87 -26.90
C LEU A 115 -3.85 -23.32 -26.49
N TYR A 116 -3.79 -24.52 -25.96
CA TYR A 116 -2.53 -25.12 -25.61
C TYR A 116 -1.66 -25.27 -26.88
N ASP A 117 -2.24 -25.79 -27.98
CA ASP A 117 -1.48 -25.99 -29.25
C ASP A 117 -0.83 -24.69 -29.73
N ALA A 118 -1.57 -23.60 -29.62
CA ALA A 118 -1.15 -22.27 -30.06
C ALA A 118 -0.11 -21.59 -29.15
N GLY A 119 0.14 -22.20 -27.98
CA GLY A 119 1.16 -21.73 -27.04
C GLY A 119 0.73 -21.24 -25.67
N LEU A 120 -0.57 -21.32 -25.36
CA LEU A 120 -1.05 -20.94 -24.03
C LEU A 120 -0.64 -21.97 -22.97
N ARG A 121 -0.15 -21.49 -21.83
CA ARG A 121 0.25 -22.38 -20.74
C ARG A 121 -0.36 -21.99 -19.39
N ARG A 122 -0.97 -20.82 -19.28
CA ARG A 122 -1.36 -20.24 -17.99
C ARG A 122 -2.79 -19.76 -18.07
N ILE A 123 -3.64 -20.22 -17.17
CA ILE A 123 -4.99 -19.67 -17.09
C ILE A 123 -5.37 -19.38 -15.64
N ASN A 124 -6.20 -18.38 -15.47
CA ASN A 124 -6.72 -18.03 -14.19
C ASN A 124 -8.21 -18.27 -14.28
N VAL A 125 -8.72 -19.20 -13.49
CA VAL A 125 -10.14 -19.46 -13.53
C VAL A 125 -10.84 -18.72 -12.40
N SER A 126 -11.80 -17.87 -12.76
CA SER A 126 -12.66 -17.22 -11.77
C SER A 126 -13.78 -18.17 -11.33
N LEU A 127 -13.81 -18.49 -10.04
CA LEU A 127 -14.81 -19.39 -9.47
C LEU A 127 -15.21 -18.88 -8.09
N ASP A 128 -16.46 -18.43 -7.93
CA ASP A 128 -16.85 -17.71 -6.73
C ASP A 128 -17.52 -18.59 -5.67
N ALA A 129 -17.71 -19.87 -5.96
CA ALA A 129 -18.23 -20.81 -4.97
C ALA A 129 -17.99 -22.23 -5.43
N ILE A 130 -18.09 -23.17 -4.52
CA ILE A 130 -17.93 -24.57 -4.85
C ILE A 130 -19.25 -25.36 -4.59
N ASP A 131 -20.19 -24.73 -3.88
CA ASP A 131 -21.55 -25.23 -3.72
C ASP A 131 -22.35 -24.92 -5.00
N ASP A 132 -23.02 -25.94 -5.55
CA ASP A 132 -23.74 -25.77 -6.82
C ASP A 132 -24.90 -24.78 -6.78
N THR A 133 -25.68 -24.80 -5.70
CA THR A 133 -26.84 -23.92 -5.57
C THR A 133 -26.41 -22.47 -5.40
N LEU A 134 -25.45 -22.27 -4.49
CA LEU A 134 -24.88 -20.95 -4.29
C LEU A 134 -24.29 -20.42 -5.61
N PHE A 135 -23.44 -21.21 -6.26
CA PHE A 135 -22.76 -20.74 -7.49
C PHE A 135 -23.76 -20.37 -8.58
N GLN A 136 -24.82 -21.18 -8.76
CA GLN A 136 -25.89 -20.84 -9.72
C GLN A 136 -26.58 -19.49 -9.49
N SER A 137 -26.81 -19.15 -8.23
CA SER A 137 -27.43 -17.88 -7.83
C SER A 137 -26.50 -16.67 -8.09
N ILE A 138 -25.20 -16.93 -8.25
CA ILE A 138 -24.21 -15.90 -8.55
C ILE A 138 -24.07 -15.67 -10.08
N ASN A 139 -23.92 -16.76 -10.84
CA ASN A 139 -23.76 -16.61 -12.29
C ASN A 139 -25.06 -16.36 -13.07
N ASN A 140 -26.20 -16.74 -12.48
CA ASN A 140 -27.55 -16.49 -13.03
C ASN A 140 -27.82 -17.09 -14.41
N ARG A 141 -26.99 -18.06 -14.78
CA ARG A 141 -27.13 -18.77 -16.03
C ARG A 141 -27.16 -20.28 -15.76
N ASN A 142 -27.57 -20.68 -14.55
CA ASN A 142 -27.76 -22.09 -14.16
C ASN A 142 -26.53 -22.99 -14.34
N ILE A 143 -25.34 -22.44 -14.14
CA ILE A 143 -24.13 -23.24 -14.34
C ILE A 143 -23.69 -23.73 -12.98
N LYS A 144 -23.44 -25.03 -12.87
CA LYS A 144 -23.05 -25.64 -11.58
C LYS A 144 -21.55 -25.49 -11.33
N ALA A 145 -21.15 -25.38 -10.07
CA ALA A 145 -19.75 -25.23 -9.72
C ALA A 145 -19.02 -26.49 -10.14
N THR A 146 -19.74 -27.60 -9.98
CA THR A 146 -19.27 -28.93 -10.38
C THR A 146 -18.80 -29.02 -11.82
N THR A 147 -19.54 -28.38 -12.73
CA THR A 147 -19.14 -28.28 -14.13
C THR A 147 -17.76 -27.60 -14.24
N ILE A 148 -17.54 -26.54 -13.46
CA ILE A 148 -16.30 -25.74 -13.59
C ILE A 148 -15.09 -26.53 -13.08
N LEU A 149 -15.28 -27.25 -11.99
CA LEU A 149 -14.23 -28.11 -11.45
C LEU A 149 -13.75 -29.18 -12.43
N GLU A 150 -14.67 -29.71 -13.21
CA GLU A 150 -14.38 -30.68 -14.27
C GLU A 150 -13.63 -30.03 -15.41
N GLN A 151 -13.93 -28.77 -15.69
CA GLN A 151 -13.22 -28.01 -16.73
C GLN A 151 -11.78 -27.79 -16.26
N ILE A 152 -11.63 -27.45 -14.98
CA ILE A 152 -10.32 -27.22 -14.37
C ILE A 152 -9.45 -28.47 -14.42
N ASP A 153 -10.02 -29.63 -14.03
CA ASP A 153 -9.27 -30.89 -14.10
C ASP A 153 -8.89 -31.28 -15.53
N TYR A 154 -9.78 -31.03 -16.49
CA TYR A 154 -9.41 -31.18 -17.90
C TYR A 154 -8.26 -30.25 -18.32
N ALA A 155 -8.32 -28.98 -17.92
CA ALA A 155 -7.26 -28.02 -18.21
C ALA A 155 -5.90 -28.52 -17.76
N THR A 156 -5.81 -28.98 -16.49
CA THR A 156 -4.53 -29.42 -15.96
C THR A 156 -4.07 -30.67 -16.72
N SER A 157 -5.02 -31.56 -17.03
CA SER A 157 -4.71 -32.82 -17.72
C SER A 157 -4.02 -32.62 -19.05
N ILE A 158 -4.36 -31.56 -19.79
CA ILE A 158 -3.74 -31.35 -21.09
C ILE A 158 -2.43 -30.57 -21.01
N GLY A 159 -2.10 -30.07 -19.81
CA GLY A 159 -0.83 -29.42 -19.54
C GLY A 159 -0.94 -27.91 -19.37
N LEU A 160 -2.13 -27.44 -19.04
CA LEU A 160 -2.31 -26.02 -18.70
C LEU A 160 -2.03 -25.84 -17.22
N ASN A 161 -1.41 -24.73 -16.85
CA ASN A 161 -1.20 -24.38 -15.46
C ASN A 161 -2.40 -23.56 -15.00
N VAL A 162 -3.12 -24.06 -14.00
CA VAL A 162 -4.36 -23.44 -13.58
C VAL A 162 -4.27 -22.79 -12.21
N LYS A 163 -4.65 -21.51 -12.14
CA LYS A 163 -4.87 -20.86 -10.85
C LYS A 163 -6.35 -20.48 -10.77
N VAL A 164 -6.87 -20.36 -9.55
CA VAL A 164 -8.28 -20.04 -9.33
C VAL A 164 -8.36 -18.74 -8.53
N ASN A 165 -9.30 -17.89 -8.90
CA ASN A 165 -9.50 -16.60 -8.27
C ASN A 165 -10.91 -16.60 -7.72
N VAL A 166 -11.07 -16.16 -6.47
CA VAL A 166 -12.38 -16.09 -5.81
C VAL A 166 -12.61 -14.72 -5.18
N VAL A 167 -13.70 -14.05 -5.58
CA VAL A 167 -14.14 -12.78 -4.95
C VAL A 167 -15.11 -13.07 -3.81
N ILE A 168 -14.70 -12.75 -2.59
CA ILE A 168 -15.53 -12.97 -1.40
C ILE A 168 -16.43 -11.75 -1.08
N GLN A 169 -17.74 -11.99 -1.08
CA GLN A 169 -18.74 -11.01 -0.67
C GLN A 169 -19.33 -11.47 0.66
N LYS A 170 -19.21 -10.64 1.69
CA LYS A 170 -19.77 -10.96 3.00
C LYS A 170 -21.28 -11.23 2.92
N GLY A 171 -21.69 -12.34 3.52
CA GLY A 171 -23.09 -12.74 3.53
C GLY A 171 -23.48 -13.63 2.36
N ILE A 172 -22.69 -13.59 1.29
CA ILE A 172 -22.93 -14.37 0.07
C ILE A 172 -22.10 -15.66 -0.03
N ASN A 173 -20.78 -15.53 -0.10
CA ASN A 173 -19.93 -16.72 -0.27
C ASN A 173 -18.72 -16.76 0.67
N ASP A 174 -18.84 -16.12 1.83
CA ASP A 174 -17.75 -16.12 2.78
C ASP A 174 -17.58 -17.48 3.49
N ASP A 175 -18.66 -18.25 3.53
CA ASP A 175 -18.62 -19.67 3.92
C ASP A 175 -17.95 -20.60 2.89
N GLN A 176 -17.51 -20.05 1.75
CA GLN A 176 -16.86 -20.85 0.71
C GLN A 176 -15.33 -20.92 0.90
N ILE A 177 -14.78 -20.01 1.71
CA ILE A 177 -13.35 -19.92 1.91
C ILE A 177 -12.73 -21.26 2.33
N ILE A 178 -13.18 -21.82 3.45
CA ILE A 178 -12.62 -23.06 3.99
C ILE A 178 -12.79 -24.27 3.04
N PRO A 179 -14.03 -24.56 2.58
CA PRO A 179 -14.24 -25.56 1.51
C PRO A 179 -13.36 -25.42 0.27
N MET A 180 -13.21 -24.21 -0.27
CA MET A 180 -12.40 -24.03 -1.48
C MET A 180 -10.91 -24.23 -1.20
N LEU A 181 -10.42 -23.71 -0.07
CA LEU A 181 -9.06 -23.99 0.40
C LEU A 181 -8.69 -25.48 0.46
N GLU A 182 -9.54 -26.28 1.10
CA GLU A 182 -9.35 -27.73 1.20
C GLU A 182 -9.42 -28.46 -0.15
N TYR A 183 -10.40 -28.11 -0.98
CA TYR A 183 -10.57 -28.78 -2.27
C TYR A 183 -9.35 -28.61 -3.15
N PHE A 184 -8.90 -27.37 -3.29
CA PHE A 184 -7.76 -27.06 -4.14
C PHE A 184 -6.42 -27.35 -3.51
N LYS A 185 -6.34 -27.35 -2.18
CA LYS A 185 -5.16 -27.85 -1.46
C LYS A 185 -4.86 -29.30 -1.81
N ASP A 186 -5.92 -30.09 -1.97
CA ASP A 186 -5.78 -31.51 -2.33
C ASP A 186 -5.40 -31.66 -3.82
N LYS A 187 -5.80 -30.68 -4.63
CA LYS A 187 -5.51 -30.68 -6.06
C LYS A 187 -4.13 -30.14 -6.38
N HIS A 188 -3.46 -29.59 -5.37
CA HIS A 188 -2.22 -28.83 -5.55
C HIS A 188 -2.39 -27.68 -6.52
N ILE A 189 -3.55 -27.02 -6.43
CA ILE A 189 -3.84 -25.83 -7.25
C ILE A 189 -3.84 -24.57 -6.37
N GLU A 190 -3.13 -23.53 -6.80
CA GLU A 190 -3.10 -22.27 -6.07
C GLU A 190 -4.44 -21.50 -6.18
N ILE A 191 -5.04 -21.17 -5.03
CA ILE A 191 -6.25 -20.39 -5.04
C ILE A 191 -5.99 -18.99 -4.47
N ARG A 192 -6.63 -17.97 -5.04
CA ARG A 192 -6.52 -16.62 -4.52
C ARG A 192 -7.89 -16.08 -4.12
N PHE A 193 -7.98 -15.53 -2.91
CA PHE A 193 -9.19 -14.82 -2.50
C PHE A 193 -9.02 -13.32 -2.59
N ILE A 194 -10.06 -12.66 -3.09
CA ILE A 194 -9.99 -11.27 -3.48
C ILE A 194 -11.07 -10.49 -2.74
N GLU A 195 -10.70 -9.39 -2.09
CA GLU A 195 -11.63 -8.49 -1.44
C GLU A 195 -12.57 -7.87 -2.47
N PHE A 196 -13.85 -7.84 -2.13
CA PHE A 196 -14.89 -7.27 -2.98
C PHE A 196 -14.79 -5.75 -3.04
N MET A 197 -14.71 -5.22 -4.26
CA MET A 197 -14.61 -3.78 -4.52
C MET A 197 -15.98 -3.20 -4.82
N ASP A 198 -16.37 -2.23 -4.02
CA ASP A 198 -17.70 -1.64 -4.03
C ASP A 198 -17.52 -0.21 -3.56
N VAL A 199 -17.88 0.76 -4.40
CA VAL A 199 -17.79 2.18 -4.05
C VAL A 199 -19.14 2.72 -3.55
N GLY A 200 -19.14 3.32 -2.36
CA GLY A 200 -20.37 3.85 -1.76
C GLY A 200 -20.77 5.22 -2.30
N ASN A 201 -21.74 5.83 -1.62
CA ASN A 201 -22.25 7.17 -1.98
C ASN A 201 -21.27 8.34 -1.73
N ASP A 202 -20.30 8.14 -0.83
CA ASP A 202 -19.60 9.24 -0.14
C ASP A 202 -18.31 9.90 -0.68
N ASN A 203 -17.47 9.26 -1.49
CA ASN A 203 -17.62 7.90 -2.00
C ASN A 203 -16.27 7.17 -1.98
N GLY A 204 -15.90 6.73 -0.78
CA GLY A 204 -14.82 5.78 -0.62
C GLY A 204 -15.39 4.40 -0.75
N TRP A 205 -14.74 3.42 -0.13
CA TRP A 205 -15.17 2.04 -0.22
C TRP A 205 -16.40 1.79 0.63
N ASP A 206 -17.29 0.96 0.09
CA ASP A 206 -18.43 0.42 0.82
C ASP A 206 -17.98 -0.90 1.44
N PHE A 207 -17.91 -0.94 2.77
CA PHE A 207 -17.40 -2.11 3.48
C PHE A 207 -18.47 -3.11 3.91
N SER A 208 -19.71 -2.90 3.46
CA SER A 208 -20.84 -3.68 3.98
C SER A 208 -20.80 -5.14 3.53
N LYS A 209 -20.30 -5.37 2.31
CA LYS A 209 -20.14 -6.71 1.76
C LYS A 209 -18.68 -7.18 1.69
N VAL A 210 -17.78 -6.45 2.34
CA VAL A 210 -16.36 -6.81 2.33
C VAL A 210 -15.97 -7.71 3.50
N VAL A 211 -15.36 -8.84 3.19
CA VAL A 211 -14.54 -9.58 4.16
C VAL A 211 -13.12 -9.21 3.79
N THR A 212 -12.38 -8.61 4.71
CA THR A 212 -11.02 -8.16 4.41
C THR A 212 -10.04 -9.33 4.46
N LYS A 213 -8.90 -9.15 3.80
CA LYS A 213 -7.73 -10.02 3.95
C LYS A 213 -7.48 -10.46 5.41
N ASP A 214 -7.57 -9.53 6.36
CA ASP A 214 -7.35 -9.86 7.78
C ASP A 214 -8.47 -10.68 8.47
N GLU A 215 -9.73 -10.38 8.09
CA GLU A 215 -10.86 -11.18 8.59
C GLU A 215 -10.80 -12.57 7.95
N MET A 216 -10.49 -12.62 6.66
CA MET A 216 -10.24 -13.90 5.95
C MET A 216 -9.15 -14.71 6.64
N LEU A 217 -8.04 -14.06 6.99
CA LEU A 217 -6.93 -14.76 7.60
C LEU A 217 -7.22 -15.27 9.03
N THR A 218 -8.06 -14.56 9.80
CA THR A 218 -8.52 -15.07 11.11
C THR A 218 -9.33 -16.37 10.95
N MET A 219 -10.23 -16.43 9.97
CA MET A 219 -10.99 -17.62 9.63
C MET A 219 -10.08 -18.81 9.32
N ILE A 220 -9.22 -18.64 8.31
CA ILE A 220 -8.27 -19.69 7.90
C ILE A 220 -7.46 -20.31 9.07
N GLU A 221 -6.87 -19.44 9.90
CA GLU A 221 -6.00 -19.87 11.02
C GLU A 221 -6.69 -20.83 11.99
N GLN A 222 -8.02 -20.71 12.10
CA GLN A 222 -8.81 -21.59 12.96
C GLN A 222 -9.02 -22.99 12.37
N HIS A 223 -8.87 -23.12 11.06
CA HIS A 223 -9.05 -24.42 10.39
C HIS A 223 -7.75 -25.05 9.90
N PHE A 224 -6.75 -24.21 9.62
CA PHE A 224 -5.51 -24.66 8.98
C PHE A 224 -4.27 -24.14 9.69
N GLU A 225 -3.13 -24.90 9.54
CA GLU A 225 -1.85 -24.47 10.10
C GLU A 225 -0.88 -24.05 8.98
N ILE A 226 -0.55 -22.74 8.98
CA ILE A 226 0.01 -22.09 7.78
C ILE A 226 1.22 -21.17 8.02
N ASP A 227 2.05 -21.01 6.99
CA ASP A 227 3.19 -20.09 7.06
C ASP A 227 3.13 -18.95 6.04
N PRO A 228 3.45 -17.72 6.48
CA PRO A 228 3.59 -16.64 5.53
C PRO A 228 4.75 -16.93 4.58
N VAL A 229 4.55 -16.68 3.30
CA VAL A 229 5.58 -16.83 2.30
C VAL A 229 6.11 -15.45 1.98
N GLU A 230 7.43 -15.28 2.03
CA GLU A 230 8.05 -14.00 1.68
C GLU A 230 7.83 -13.72 0.20
N PRO A 231 7.63 -12.44 -0.16
CA PRO A 231 7.30 -12.16 -1.55
C PRO A 231 8.45 -12.56 -2.48
N LYS A 232 8.09 -13.13 -3.63
CA LYS A 232 9.06 -13.54 -4.65
C LYS A 232 9.82 -12.35 -5.21
N TYR A 233 9.17 -11.19 -5.25
CA TYR A 233 9.74 -9.99 -5.84
C TYR A 233 9.11 -8.71 -5.27
N PHE A 234 9.84 -7.61 -5.38
CA PHE A 234 9.37 -6.32 -4.87
C PHE A 234 8.08 -5.86 -5.54
N GLY A 235 7.08 -5.55 -4.71
CA GLY A 235 5.78 -5.08 -5.19
C GLY A 235 4.79 -6.14 -5.60
N GLU A 236 5.06 -7.40 -5.22
CA GLU A 236 4.15 -8.50 -5.46
C GLU A 236 2.84 -8.22 -4.71
N VAL A 237 1.73 -8.22 -5.44
CA VAL A 237 0.47 -7.73 -4.85
C VAL A 237 -0.17 -8.74 -3.89
N ALA A 238 -0.28 -9.98 -4.34
CA ALA A 238 -0.86 -11.07 -3.56
C ALA A 238 0.01 -11.42 -2.35
N LYS A 239 -0.60 -11.49 -1.17
CA LYS A 239 0.08 -11.98 0.01
C LYS A 239 -0.09 -13.49 0.05
N TYR A 240 1.01 -14.23 0.00
CA TYR A 240 0.94 -15.68 -0.06
C TYR A 240 1.18 -16.36 1.27
N TYR A 241 0.58 -17.53 1.39
CA TYR A 241 0.71 -18.37 2.56
C TYR A 241 0.80 -19.79 2.04
N ARG A 242 1.35 -20.70 2.85
CA ARG A 242 1.42 -22.10 2.46
C ARG A 242 0.98 -23.00 3.61
N HIS A 243 0.38 -24.14 3.24
CA HIS A 243 -0.01 -25.16 4.20
C HIS A 243 1.24 -25.90 4.70
N LYS A 244 1.30 -26.16 6.00
CA LYS A 244 2.48 -26.85 6.57
C LYS A 244 2.63 -28.31 6.12
N ASP A 245 1.51 -28.87 5.55
CA ASP A 245 1.42 -30.32 5.22
C ASP A 245 2.63 -30.93 4.47
N ASN A 246 2.89 -30.72 3.15
CA ASN A 246 2.05 -30.21 2.02
C ASN A 246 2.66 -29.07 1.17
N GLY A 247 2.73 -27.86 1.71
CA GLY A 247 3.40 -26.74 1.03
C GLY A 247 2.63 -26.09 -0.11
N VAL A 248 1.37 -26.48 -0.27
CA VAL A 248 0.53 -25.87 -1.29
C VAL A 248 0.24 -24.43 -0.86
N GLN A 249 0.36 -23.52 -1.83
CA GLN A 249 0.21 -22.09 -1.60
C GLN A 249 -1.17 -21.61 -1.97
N PHE A 250 -1.66 -20.65 -1.20
CA PHE A 250 -2.81 -19.84 -1.59
C PHE A 250 -2.45 -18.38 -1.36
N GLY A 251 -3.24 -17.45 -1.88
CA GLY A 251 -2.95 -16.04 -1.68
C GLY A 251 -4.17 -15.18 -1.36
N LEU A 252 -3.92 -14.04 -0.72
CA LEU A 252 -4.99 -13.10 -0.38
C LEU A 252 -4.72 -11.72 -1.02
N ILE A 253 -5.70 -11.19 -1.74
CA ILE A 253 -5.54 -9.91 -2.46
C ILE A 253 -6.31 -8.76 -1.79
N THR A 254 -5.55 -7.77 -1.31
CA THR A 254 -6.07 -6.67 -0.49
C THR A 254 -6.54 -5.55 -1.42
N SER A 255 -7.46 -5.85 -2.34
CA SER A 255 -7.90 -4.84 -3.30
C SER A 255 -8.43 -3.55 -2.65
N VAL A 256 -8.97 -3.68 -1.44
CA VAL A 256 -9.67 -2.61 -0.80
C VAL A 256 -8.97 -2.18 0.49
N SER A 257 -8.59 -3.13 1.35
CA SER A 257 -7.98 -2.78 2.64
C SER A 257 -6.55 -2.23 2.50
N GLN A 258 -5.93 -2.48 1.36
CA GLN A 258 -4.49 -2.22 1.23
C GLN A 258 -4.15 -2.04 -0.23
N SER A 259 -4.64 -0.93 -0.76
CA SER A 259 -4.61 -0.64 -2.18
C SER A 259 -3.18 -0.50 -2.70
N PHE A 260 -2.98 -0.81 -3.99
CA PHE A 260 -1.62 -0.96 -4.56
C PHE A 260 -1.36 -0.27 -5.91
N CYS A 261 -1.93 0.92 -6.12
CA CYS A 261 -1.80 1.60 -7.40
C CYS A 261 -0.38 2.04 -7.70
N SER A 262 0.42 2.15 -6.62
CA SER A 262 1.83 2.57 -6.65
C SER A 262 2.74 1.71 -7.51
N THR A 263 2.37 0.44 -7.66
CA THR A 263 3.20 -0.49 -8.41
C THR A 263 2.48 -0.96 -9.66
N CYS A 264 1.41 -0.25 -10.03
CA CYS A 264 0.56 -0.68 -11.13
C CYS A 264 1.21 -0.34 -12.45
N THR A 265 1.50 -1.40 -13.20
CA THR A 265 2.26 -1.29 -14.43
C THR A 265 1.43 -1.70 -15.65
N ALA A 266 0.10 -1.70 -15.49
CA ALA A 266 -0.81 -2.26 -16.49
C ALA A 266 -1.56 -1.24 -17.34
N ALA A 267 -1.61 -1.48 -18.65
CA ALA A 267 -2.50 -0.75 -19.55
C ALA A 267 -3.61 -1.73 -19.97
N ALA A 268 -4.73 -1.20 -20.43
CA ALA A 268 -5.82 -2.03 -20.91
C ALA A 268 -6.34 -1.51 -22.24
N LEU A 269 -6.79 -2.44 -23.09
CA LEU A 269 -7.52 -2.13 -24.30
C LEU A 269 -8.85 -2.80 -24.13
N SER A 270 -9.91 -2.03 -24.21
CA SER A 270 -11.27 -2.56 -24.24
C SER A 270 -11.62 -3.30 -25.53
N SER A 271 -12.78 -3.95 -25.50
CA SER A 271 -13.30 -4.74 -26.62
C SER A 271 -13.57 -3.91 -27.85
N ASP A 272 -14.02 -2.66 -27.65
CA ASP A 272 -14.16 -1.69 -28.75
C ASP A 272 -12.86 -0.92 -29.10
N GLY A 273 -11.72 -1.37 -28.55
CA GLY A 273 -10.40 -0.83 -28.90
C GLY A 273 -10.08 0.59 -28.46
N LYS A 274 -10.44 0.91 -27.22
CA LYS A 274 -10.12 2.19 -26.59
C LYS A 274 -9.07 1.93 -25.51
N PHE A 275 -8.18 2.90 -25.30
CA PHE A 275 -7.07 2.74 -24.35
C PHE A 275 -7.51 3.14 -22.95
N TYR A 276 -7.10 2.37 -21.95
CA TYR A 276 -7.29 2.74 -20.56
C TYR A 276 -6.02 2.52 -19.75
N GLY A 277 -5.72 3.44 -18.85
CA GLY A 277 -4.55 3.27 -17.99
C GLY A 277 -4.97 2.67 -16.66
N CYS A 278 -6.22 2.27 -16.57
CA CYS A 278 -6.76 1.65 -15.35
C CYS A 278 -7.94 0.75 -15.71
N LEU A 279 -8.01 -0.39 -15.03
CA LEU A 279 -9.11 -1.35 -15.15
C LEU A 279 -10.45 -0.78 -14.72
N PHE A 280 -10.43 0.38 -14.09
CA PHE A 280 -11.65 1.10 -13.79
C PHE A 280 -11.63 2.36 -14.63
N ALA A 281 -12.79 2.93 -14.93
CA ALA A 281 -12.83 3.99 -15.93
C ALA A 281 -14.25 4.30 -16.25
N THR A 282 -14.65 5.53 -15.95
CA THR A 282 -16.01 5.97 -16.20
C THR A 282 -16.15 6.72 -17.52
N VAL A 283 -15.04 7.15 -18.11
CA VAL A 283 -15.10 7.88 -19.39
C VAL A 283 -14.40 7.13 -20.52
N ASP A 284 -14.90 7.31 -21.74
CA ASP A 284 -14.24 6.80 -22.95
C ASP A 284 -12.75 7.16 -23.05
N GLY A 285 -11.96 6.20 -23.47
CA GLY A 285 -10.53 6.41 -23.61
C GLY A 285 -10.22 6.79 -25.04
N PHE A 286 -8.96 7.11 -25.29
CA PHE A 286 -8.49 7.32 -26.63
C PHE A 286 -8.84 6.14 -27.53
N ASN A 287 -9.36 6.47 -28.70
CA ASN A 287 -9.79 5.49 -29.68
C ASN A 287 -8.64 4.96 -30.56
N VAL A 288 -7.91 4.00 -30.00
CA VAL A 288 -6.83 3.27 -30.67
C VAL A 288 -7.32 2.64 -31.99
N LYS A 289 -8.52 2.06 -31.96
CA LYS A 289 -9.15 1.43 -33.12
C LYS A 289 -9.31 2.37 -34.30
N ALA A 290 -9.92 3.52 -34.07
CA ALA A 290 -10.10 4.50 -35.15
C ALA A 290 -8.78 5.10 -35.63
N PHE A 291 -7.80 5.22 -34.72
CA PHE A 291 -6.45 5.72 -35.06
C PHE A 291 -5.80 4.76 -36.05
N ILE A 292 -5.75 3.46 -35.68
CA ILE A 292 -5.17 2.41 -36.52
C ILE A 292 -5.87 2.35 -37.86
N ARG A 293 -7.20 2.26 -37.82
CA ARG A 293 -7.99 2.12 -39.04
C ARG A 293 -7.95 3.33 -39.98
N SER A 294 -7.47 4.46 -39.51
CA SER A 294 -7.38 5.65 -40.37
C SER A 294 -6.14 5.60 -41.26
N GLY A 295 -5.24 4.64 -40.98
CA GLY A 295 -4.01 4.48 -41.73
C GLY A 295 -2.85 5.19 -41.05
N VAL A 296 -2.05 4.44 -40.28
CA VAL A 296 -0.89 4.99 -39.58
C VAL A 296 0.32 4.06 -39.69
N THR A 297 1.53 4.63 -39.63
CA THR A 297 2.72 3.78 -39.60
C THR A 297 2.93 3.19 -38.21
N ASP A 298 3.86 2.25 -38.10
CA ASP A 298 4.15 1.63 -36.81
C ASP A 298 4.80 2.68 -35.90
N GLU A 299 5.55 3.60 -36.51
CA GLU A 299 6.20 4.71 -35.79
C GLU A 299 5.20 5.68 -35.14
N GLU A 300 4.15 6.03 -35.88
CA GLU A 300 3.05 6.88 -35.39
C GLU A 300 2.23 6.15 -34.30
N LEU A 301 2.02 4.86 -34.48
CA LEU A 301 1.40 4.06 -33.43
C LEU A 301 2.23 4.13 -32.13
N LYS A 302 3.50 3.76 -32.22
CA LYS A 302 4.42 3.76 -31.07
C LYS A 302 4.48 5.10 -30.32
N GLU A 303 4.59 6.19 -31.06
CA GLU A 303 4.66 7.51 -30.45
C GLU A 303 3.37 7.88 -29.73
N GLN A 304 2.22 7.58 -30.35
CA GLN A 304 0.95 7.75 -29.63
C GLN A 304 0.85 6.87 -28.36
N PHE A 305 1.31 5.62 -28.46
CA PHE A 305 1.31 4.72 -27.29
C PHE A 305 2.17 5.22 -26.16
N LYS A 306 3.35 5.72 -26.53
CA LYS A 306 4.27 6.33 -25.61
C LYS A 306 3.63 7.57 -24.96
N ALA A 307 3.03 8.45 -25.78
CA ALA A 307 2.36 9.63 -25.25
C ALA A 307 1.23 9.27 -24.29
N LEU A 308 0.46 8.23 -24.60
CA LEU A 308 -0.63 7.77 -23.75
C LEU A 308 -0.16 7.27 -22.37
N TRP A 309 0.95 6.53 -22.33
CA TRP A 309 1.50 6.11 -21.05
C TRP A 309 2.10 7.24 -20.24
N GLN A 310 2.80 8.16 -20.91
CA GLN A 310 3.51 9.24 -20.21
C GLN A 310 2.60 10.24 -19.52
N ILE A 311 1.38 10.42 -20.03
CA ILE A 311 0.37 11.27 -19.36
C ILE A 311 -0.52 10.49 -18.38
N ARG A 312 -0.29 9.20 -18.27
CA ARG A 312 -1.07 8.35 -17.37
C ARG A 312 -0.86 8.71 -15.89
N ASP A 313 -1.95 8.91 -15.16
CA ASP A 313 -1.86 9.14 -13.72
C ASP A 313 -2.95 8.40 -12.94
N ASP A 314 -3.50 7.35 -13.53
CA ASP A 314 -4.59 6.59 -12.90
C ASP A 314 -4.16 5.98 -11.59
N ARG A 315 -5.11 5.97 -10.64
CA ARG A 315 -4.91 5.36 -9.31
C ARG A 315 -6.24 5.25 -8.60
N TYR A 316 -7.23 4.79 -9.34
CA TYR A 316 -8.60 4.66 -8.88
C TYR A 316 -8.74 4.13 -7.44
N SER A 317 -8.07 3.03 -7.12
CA SER A 317 -8.21 2.38 -5.84
C SER A 317 -7.60 3.20 -4.69
N ASP A 318 -6.45 3.80 -4.95
CA ASP A 318 -5.84 4.75 -4.02
C ASP A 318 -6.69 5.99 -3.82
N GLU A 319 -7.33 6.48 -4.90
CA GLU A 319 -8.30 7.57 -4.80
C GLU A 319 -9.44 7.19 -3.84
N ARG A 320 -9.97 5.97 -3.99
CA ARG A 320 -11.07 5.52 -3.13
C ARG A 320 -10.63 5.40 -1.67
N THR A 321 -9.38 4.99 -1.46
CA THR A 321 -8.76 4.89 -0.13
C THR A 321 -8.61 6.25 0.56
N ALA A 322 -8.09 7.23 -0.16
CA ALA A 322 -7.95 8.59 0.40
C ALA A 322 -9.32 9.15 0.76
N GLN A 323 -10.31 8.85 -0.06
CA GLN A 323 -11.68 9.30 0.14
C GLN A 323 -12.33 8.64 1.37
N THR A 324 -12.07 7.34 1.57
CA THR A 324 -12.53 6.60 2.76
C THR A 324 -11.96 7.19 4.03
N VAL A 325 -10.66 7.49 4.02
CA VAL A 325 -10.02 8.19 5.13
C VAL A 325 -10.68 9.56 5.41
N ALA A 326 -10.95 10.33 4.36
CA ALA A 326 -11.57 11.65 4.49
C ALA A 326 -13.02 11.53 4.99
N ASN A 327 -13.74 10.52 4.48
CA ASN A 327 -15.10 10.21 4.97
C ASN A 327 -15.20 9.83 6.44
N ARG A 328 -14.07 9.34 7.04
CA ARG A 328 -14.06 9.08 8.48
C ARG A 328 -13.80 10.38 9.25
N GLN A 329 -14.33 11.50 8.73
CA GLN A 329 -14.14 12.83 9.32
C GLN A 329 -14.45 12.91 10.81
N GLN B 4 -14.46 20.54 3.61
CA GLN B 4 -13.25 19.86 4.18
C GLN B 4 -12.06 19.86 3.19
N ILE B 5 -10.87 20.00 3.75
CA ILE B 5 -9.67 20.37 3.00
C ILE B 5 -8.83 19.15 2.62
N LYS B 6 -8.75 18.93 1.32
CA LYS B 6 -8.01 17.80 0.78
C LYS B 6 -6.94 18.30 -0.15
N ASP B 7 -5.88 17.50 -0.31
CA ASP B 7 -4.76 17.83 -1.19
C ASP B 7 -4.96 17.27 -2.62
N LYS B 8 -3.95 17.44 -3.48
CA LYS B 8 -3.97 17.00 -4.89
C LYS B 8 -4.23 15.51 -5.05
N LEU B 9 -3.85 14.72 -4.06
CA LEU B 9 -4.09 13.28 -4.11
C LEU B 9 -5.35 12.87 -3.34
N GLY B 10 -6.17 13.87 -2.96
CA GLY B 10 -7.43 13.64 -2.27
C GLY B 10 -7.31 13.35 -0.79
N ARG B 11 -6.13 13.56 -0.21
CA ARG B 11 -5.87 13.35 1.23
C ARG B 11 -6.19 14.59 2.08
N PRO B 12 -6.88 14.39 3.23
CA PRO B 12 -7.22 15.47 4.17
C PRO B 12 -6.08 15.72 5.17
N ILE B 13 -6.00 16.89 5.79
CA ILE B 13 -5.04 17.03 6.92
C ILE B 13 -5.70 16.52 8.18
N ARG B 14 -4.96 15.69 8.91
CA ARG B 14 -5.40 15.25 10.23
C ARG B 14 -4.31 15.42 11.28
N ASP B 15 -3.07 15.60 10.82
CA ASP B 15 -1.88 15.58 11.70
C ASP B 15 -0.93 16.72 11.42
N LEU B 16 -0.24 17.15 12.48
CA LEU B 16 0.86 18.10 12.37
C LEU B 16 2.08 17.55 13.09
N ALA B 17 3.17 17.40 12.35
CA ALA B 17 4.45 17.06 12.95
C ALA B 17 5.12 18.36 13.29
N LEU B 18 5.29 18.58 14.59
CA LEU B 18 5.78 19.83 15.11
C LEU B 18 7.18 19.63 15.70
N SER B 19 8.17 20.17 14.98
CA SER B 19 9.56 20.14 15.43
C SER B 19 9.85 21.36 16.29
N VAL B 20 10.21 21.11 17.54
CA VAL B 20 10.42 22.19 18.51
C VAL B 20 11.89 22.56 18.72
N THR B 21 12.82 21.72 18.26
CA THR B 21 14.25 22.08 18.31
C THR B 21 15.06 21.41 17.22
N ASP B 22 16.16 22.05 16.83
CA ASP B 22 17.10 21.45 15.89
C ASP B 22 18.26 20.76 16.62
N ARG B 23 18.24 20.84 17.96
CA ARG B 23 19.31 20.30 18.81
C ARG B 23 19.01 18.88 19.24
N CYS B 24 20.05 18.14 19.60
CA CYS B 24 19.91 16.76 20.11
C CYS B 24 21.04 16.40 21.06
N ASN B 25 20.74 15.50 21.98
CA ASN B 25 21.75 15.01 22.94
C ASN B 25 22.36 13.66 22.52
N PHE B 26 21.98 13.17 21.34
CA PHE B 26 22.54 11.95 20.74
C PHE B 26 23.21 12.37 19.45
N ARG B 27 24.00 11.48 18.87
CA ARG B 27 24.58 11.71 17.53
C ARG B 27 24.46 10.46 16.65
N CYS B 28 23.24 9.97 16.52
CA CYS B 28 22.96 8.73 15.80
C CYS B 28 23.47 8.78 14.37
N ASP B 29 24.30 7.78 14.03
CA ASP B 29 25.02 7.73 12.74
C ASP B 29 24.16 8.12 11.54
N TYR B 30 23.01 7.45 11.41
CA TYR B 30 22.13 7.63 10.26
C TYR B 30 21.24 8.87 10.36
N CYS B 31 21.31 9.58 11.49
CA CYS B 31 20.47 10.77 11.71
C CYS B 31 21.27 12.07 11.82
N MET B 32 21.94 12.26 12.95
CA MET B 32 22.79 13.42 13.15
C MET B 32 24.23 12.99 13.39
N PRO B 33 24.93 12.52 12.32
CA PRO B 33 26.30 12.03 12.48
C PRO B 33 27.20 13.07 13.16
N LYS B 34 28.16 12.60 13.96
CA LYS B 34 29.10 13.48 14.68
C LYS B 34 29.94 14.35 13.72
N GLU B 35 30.29 13.77 12.57
CA GLU B 35 30.83 14.52 11.44
C GLU B 35 29.62 15.23 10.84
N VAL B 36 29.78 16.50 10.43
CA VAL B 36 28.65 17.37 10.04
C VAL B 36 28.10 18.13 11.25
N PHE B 37 27.69 17.40 12.29
CA PHE B 37 27.16 18.00 13.53
C PHE B 37 28.16 17.97 14.70
N GLY B 38 29.39 18.43 14.44
CA GLY B 38 30.43 18.46 15.47
C GLY B 38 30.28 19.59 16.48
N ASP B 39 31.41 20.02 17.05
CA ASP B 39 31.44 21.13 18.00
C ASP B 39 31.11 22.47 17.35
N ASP B 40 31.77 22.75 16.22
CA ASP B 40 31.68 24.04 15.52
C ASP B 40 30.29 24.37 14.95
N PHE B 41 29.42 23.36 14.86
CA PHE B 41 28.08 23.55 14.31
C PHE B 41 27.25 24.54 15.14
N VAL B 42 26.81 25.61 14.45
CA VAL B 42 25.89 26.57 15.07
C VAL B 42 24.46 26.18 14.72
N PHE B 43 23.72 25.78 15.74
CA PHE B 43 22.29 25.49 15.61
C PHE B 43 21.52 26.80 15.54
N LEU B 44 20.19 26.72 15.48
CA LEU B 44 19.37 27.91 15.39
C LEU B 44 19.45 28.75 16.67
N PRO B 45 19.70 30.06 16.52
CA PRO B 45 19.54 31.01 17.63
C PRO B 45 18.13 30.95 18.21
N LYS B 46 18.02 31.14 19.52
CA LYS B 46 16.74 31.11 20.23
C LYS B 46 15.62 31.88 19.52
N ASN B 47 15.96 33.07 19.01
CA ASN B 47 14.97 33.95 18.37
C ASN B 47 14.63 33.58 16.93
N GLU B 48 15.36 32.61 16.38
CA GLU B 48 15.05 32.07 15.05
C GLU B 48 14.06 30.90 15.15
N LEU B 49 13.96 30.31 16.33
CA LEU B 49 12.91 29.32 16.65
C LEU B 49 11.55 29.99 16.74
N LEU B 50 10.49 29.20 16.59
CA LEU B 50 9.14 29.69 16.83
C LEU B 50 8.86 29.78 18.34
N THR B 51 8.16 30.85 18.73
CA THR B 51 7.69 31.01 20.10
C THR B 51 6.57 30.01 20.32
N PHE B 52 6.29 29.70 21.59
CA PHE B 52 5.18 28.84 21.96
C PHE B 52 3.85 29.47 21.54
N ASP B 53 3.78 30.80 21.58
CA ASP B 53 2.60 31.54 21.15
C ASP B 53 2.38 31.45 19.65
N GLU B 54 3.46 31.54 18.88
CA GLU B 54 3.39 31.29 17.43
C GLU B 54 2.87 29.89 17.15
N MET B 55 3.44 28.90 17.83
CA MET B 55 3.08 27.50 17.68
C MET B 55 1.63 27.19 18.01
N ALA B 56 1.15 27.72 19.14
CA ALA B 56 -0.24 27.55 19.58
C ALA B 56 -1.21 28.22 18.60
N ARG B 57 -0.83 29.40 18.11
CA ARG B 57 -1.60 30.09 17.08
C ARG B 57 -1.73 29.26 15.80
N ILE B 58 -0.60 28.77 15.28
CA ILE B 58 -0.53 27.90 14.10
C ILE B 58 -1.38 26.63 14.26
N ALA B 59 -1.27 25.99 15.42
CA ALA B 59 -2.03 24.77 15.74
C ALA B 59 -3.55 25.00 15.82
N LYS B 60 -3.96 26.19 16.25
CA LYS B 60 -5.37 26.51 16.36
C LYS B 60 -5.98 26.69 14.98
N VAL B 61 -5.24 27.39 14.12
CA VAL B 61 -5.65 27.60 12.73
C VAL B 61 -5.76 26.23 12.06
N TYR B 62 -4.76 25.38 12.29
CA TYR B 62 -4.74 24.04 11.73
C TYR B 62 -5.88 23.16 12.22
N ALA B 63 -6.21 23.26 13.52
CA ALA B 63 -7.34 22.53 14.10
C ALA B 63 -8.66 22.86 13.37
N GLU B 64 -8.82 24.13 12.98
CA GLU B 64 -10.00 24.57 12.27
C GLU B 64 -10.06 23.99 10.86
N LEU B 65 -8.92 23.56 10.35
CA LEU B 65 -8.85 22.99 9.00
C LEU B 65 -8.88 21.46 9.02
N GLY B 66 -9.00 20.85 10.19
CA GLY B 66 -9.10 19.39 10.28
C GLY B 66 -8.12 18.64 11.18
N VAL B 67 -7.04 19.29 11.59
CA VAL B 67 -6.00 18.61 12.38
C VAL B 67 -6.52 18.24 13.76
N LYS B 68 -6.31 16.99 14.15
CA LYS B 68 -6.71 16.50 15.47
C LYS B 68 -5.58 15.87 16.26
N LYS B 69 -4.43 15.68 15.60
CA LYS B 69 -3.24 15.20 16.27
C LYS B 69 -2.02 16.05 15.98
N ILE B 70 -1.29 16.30 17.06
CA ILE B 70 -0.01 16.97 17.03
C ILE B 70 1.02 15.97 17.53
N ARG B 71 2.15 15.89 16.82
CA ARG B 71 3.26 15.05 17.18
C ARG B 71 4.45 15.97 17.42
N ILE B 72 4.97 15.98 18.65
CA ILE B 72 6.11 16.84 19.00
C ILE B 72 7.41 16.10 18.70
N THR B 73 8.29 16.72 17.90
CA THR B 73 9.64 16.19 17.61
C THR B 73 10.71 17.27 17.60
N GLY B 74 11.86 16.90 17.04
CA GLY B 74 12.96 17.83 16.81
C GLY B 74 13.81 17.27 15.68
N GLY B 75 15.12 17.14 15.88
CA GLY B 75 15.77 17.27 17.18
C GLY B 75 15.26 16.29 18.22
N GLU B 76 15.75 16.46 19.44
CA GLU B 76 15.20 15.80 20.61
C GLU B 76 14.35 16.86 21.34
N PRO B 77 13.01 16.72 21.31
CA PRO B 77 12.10 17.74 21.89
C PRO B 77 12.35 18.11 23.37
N LEU B 78 12.92 17.19 24.14
CA LEU B 78 13.19 17.47 25.57
C LEU B 78 14.34 18.45 25.82
N MET B 79 15.13 18.75 24.79
CA MET B 79 16.11 19.85 24.83
C MET B 79 15.41 21.21 24.83
N ARG B 80 14.13 21.23 24.50
CA ARG B 80 13.33 22.45 24.58
C ARG B 80 12.50 22.41 25.88
N ARG B 81 12.03 23.53 26.42
CA ARG B 81 12.60 24.86 26.48
C ARG B 81 12.08 24.80 27.89
N ASP B 82 10.80 25.18 27.96
CA ASP B 82 9.88 24.82 29.01
C ASP B 82 8.77 24.11 28.20
N LEU B 83 9.07 22.90 27.76
CA LEU B 83 8.21 22.15 26.86
C LEU B 83 6.80 22.00 27.45
N ASP B 84 6.73 21.85 28.77
CA ASP B 84 5.45 21.74 29.50
C ASP B 84 4.49 22.89 29.18
N VAL B 85 5.00 24.11 29.09
CA VAL B 85 4.17 25.29 28.74
C VAL B 85 3.51 25.21 27.35
N LEU B 86 4.26 24.73 26.35
CA LEU B 86 3.73 24.51 24.99
C LEU B 86 2.64 23.47 25.00
N ILE B 87 2.90 22.38 25.74
CA ILE B 87 1.96 21.28 25.81
C ILE B 87 0.65 21.71 26.45
N ALA B 88 0.71 22.48 27.53
CA ALA B 88 -0.50 22.96 28.20
C ALA B 88 -1.31 23.82 27.23
N LYS B 89 -0.65 24.72 26.50
CA LYS B 89 -1.33 25.54 25.52
C LYS B 89 -1.96 24.77 24.36
N LEU B 90 -1.27 23.74 23.86
CA LEU B 90 -1.81 22.90 22.79
C LEU B 90 -2.99 22.05 23.25
N ASN B 91 -2.95 21.64 24.53
CA ASN B 91 -3.99 20.84 25.16
C ASN B 91 -5.31 21.61 25.38
N GLN B 92 -5.29 22.93 25.25
CA GLN B 92 -6.48 23.74 25.43
C GLN B 92 -7.16 24.10 24.09
N ILE B 93 -6.55 23.67 23.00
CA ILE B 93 -7.16 23.82 21.68
C ILE B 93 -8.16 22.67 21.50
N ASP B 94 -9.45 23.01 21.43
CA ASP B 94 -10.52 21.99 21.29
C ASP B 94 -10.41 21.05 20.09
N GLY B 95 -10.07 21.58 18.92
CA GLY B 95 -9.86 20.72 17.74
C GLY B 95 -8.81 19.62 17.92
N ILE B 96 -7.88 19.81 18.87
CA ILE B 96 -6.74 18.91 19.04
C ILE B 96 -7.06 17.81 20.05
N GLU B 97 -7.10 16.57 19.59
CA GLU B 97 -7.53 15.44 20.41
C GLU B 97 -6.41 14.57 20.94
N ASP B 98 -5.28 14.55 20.24
CA ASP B 98 -4.15 13.81 20.76
C ASP B 98 -2.85 14.58 20.51
N ILE B 99 -1.99 14.53 21.51
CA ILE B 99 -0.65 15.07 21.43
C ILE B 99 0.29 13.90 21.73
N GLY B 100 1.24 13.68 20.83
CA GLY B 100 2.25 12.66 21.08
C GLY B 100 3.64 13.27 21.07
N LEU B 101 4.59 12.55 21.64
CA LEU B 101 5.94 13.07 21.69
C LEU B 101 6.87 11.97 21.25
N THR B 102 7.71 12.28 20.27
CA THR B 102 8.77 11.35 19.84
C THR B 102 10.08 11.78 20.49
N THR B 103 10.70 10.86 21.23
CA THR B 103 11.87 11.17 22.02
C THR B 103 12.86 10.00 22.07
N ASN B 104 14.16 10.28 22.22
CA ASN B 104 15.13 9.26 22.59
C ASN B 104 15.02 8.81 24.06
N GLY B 105 14.32 9.61 24.87
CA GLY B 105 13.92 9.20 26.21
C GLY B 105 14.88 9.56 27.34
N LEU B 106 16.01 10.18 27.01
CA LEU B 106 17.09 10.33 27.96
C LEU B 106 16.71 11.30 29.08
N LEU B 107 15.99 12.35 28.71
CA LEU B 107 15.65 13.38 29.64
C LEU B 107 14.28 13.17 30.28
N LEU B 108 13.85 11.92 30.37
CA LEU B 108 12.49 11.59 30.86
C LEU B 108 12.34 11.65 32.38
N LYS B 109 13.42 11.39 33.11
CA LYS B 109 13.38 11.48 34.56
C LYS B 109 13.32 12.95 34.94
N LYS B 110 14.03 13.77 34.15
CA LYS B 110 14.13 15.20 34.33
C LYS B 110 12.82 15.92 34.03
N HIS B 111 12.17 15.57 32.91
CA HIS B 111 11.00 16.30 32.44
C HIS B 111 9.69 15.54 32.33
N GLY B 112 9.70 14.24 32.61
CA GLY B 112 8.49 13.42 32.42
C GLY B 112 7.29 13.96 33.21
N GLN B 113 7.48 14.16 34.52
CA GLN B 113 6.39 14.61 35.38
C GLN B 113 5.74 15.94 34.94
N LYS B 114 6.54 16.98 34.69
CA LYS B 114 5.95 18.25 34.29
C LYS B 114 5.19 18.17 32.95
N LEU B 115 5.62 17.28 32.04
CA LEU B 115 4.96 17.09 30.74
C LEU B 115 3.63 16.38 30.90
N TYR B 116 3.62 15.33 31.71
CA TYR B 116 2.43 14.65 32.12
C TYR B 116 1.45 15.63 32.80
N ASP B 117 1.93 16.40 33.78
CA ASP B 117 1.12 17.43 34.44
C ASP B 117 0.52 18.41 33.42
N ALA B 118 1.27 18.72 32.37
CA ALA B 118 0.83 19.64 31.34
C ALA B 118 -0.22 19.06 30.41
N GLY B 119 -0.35 17.73 30.39
CA GLY B 119 -1.40 17.07 29.60
C GLY B 119 -0.94 15.97 28.66
N LEU B 120 0.37 15.70 28.63
CA LEU B 120 0.91 14.62 27.79
C LEU B 120 0.55 13.25 28.38
N ARG B 121 0.00 12.39 27.53
CA ARG B 121 -0.42 11.06 27.95
C ARG B 121 0.31 9.93 27.20
N ARG B 122 0.90 10.25 26.05
CA ARG B 122 1.52 9.26 25.19
C ARG B 122 2.89 9.71 24.73
N ILE B 123 3.86 8.81 24.84
CA ILE B 123 5.19 9.06 24.28
C ILE B 123 5.66 7.91 23.39
N ASN B 124 6.55 8.22 22.47
CA ASN B 124 7.08 7.23 21.58
C ASN B 124 8.59 7.34 21.69
N VAL B 125 9.19 6.35 22.35
CA VAL B 125 10.62 6.34 22.59
C VAL B 125 11.35 5.55 21.52
N SER B 126 12.27 6.20 20.81
CA SER B 126 13.12 5.53 19.84
C SER B 126 14.29 4.89 20.56
N LEU B 127 14.47 3.58 20.37
CA LEU B 127 15.60 2.85 20.94
C LEU B 127 16.04 1.75 19.98
N ASP B 128 17.20 1.94 19.32
CA ASP B 128 17.64 1.07 18.23
C ASP B 128 18.40 -0.19 18.68
N ALA B 129 18.70 -0.29 19.98
CA ALA B 129 19.39 -1.45 20.53
C ALA B 129 19.10 -1.63 22.01
N ILE B 130 19.00 -2.90 22.45
CA ILE B 130 18.83 -3.18 23.88
C ILE B 130 20.18 -3.51 24.53
N ASP B 131 21.12 -3.90 23.69
CA ASP B 131 22.47 -4.15 24.11
C ASP B 131 23.22 -2.84 24.34
N ASP B 132 23.81 -2.69 25.55
CA ASP B 132 24.48 -1.47 26.00
C ASP B 132 25.62 -0.99 25.10
N THR B 133 26.54 -2.01 24.58
CA THR B 133 27.69 -1.69 23.68
C THR B 133 27.19 -1.11 22.38
N LEU B 134 26.28 -1.99 21.63
CA LEU B 134 25.74 -1.69 20.29
C LEU B 134 24.99 -0.36 20.27
N PHE B 135 24.21 -0.11 21.34
CA PHE B 135 23.51 1.16 21.48
C PHE B 135 24.47 2.35 21.49
N GLN B 136 25.44 2.27 22.49
CA GLN B 136 26.52 3.28 22.59
C GLN B 136 27.23 3.60 21.25
N SER B 137 27.50 2.58 20.42
CA SER B 137 28.14 2.87 19.13
C SER B 137 27.15 3.42 18.08
N ILE B 138 25.81 2.97 18.19
CA ILE B 138 24.78 3.70 17.41
C ILE B 138 24.68 5.20 17.82
N ASN B 139 24.59 5.48 19.12
CA ASN B 139 24.26 6.86 19.56
C ASN B 139 25.44 7.85 19.68
N ASN B 140 26.66 7.31 19.73
CA ASN B 140 27.90 8.11 19.78
C ASN B 140 28.15 8.94 21.04
N ARG B 141 27.24 8.87 22.01
CA ARG B 141 27.37 9.70 23.21
C ARG B 141 27.48 8.91 24.52
N ASN B 142 27.88 7.64 24.41
CA ASN B 142 28.12 6.75 25.57
C ASN B 142 26.91 6.51 26.49
N ILE B 143 25.70 6.68 25.95
CA ILE B 143 24.46 6.41 26.66
C ILE B 143 24.12 4.92 26.51
N LYS B 144 23.90 4.27 27.67
CA LYS B 144 23.55 2.85 27.69
C LYS B 144 22.08 2.65 27.31
N ALA B 145 21.75 1.49 26.75
CA ALA B 145 20.35 1.11 26.57
C ALA B 145 19.69 0.99 27.95
N THR B 146 20.43 0.47 28.92
CA THR B 146 20.00 0.32 30.31
C THR B 146 19.54 1.65 30.92
N THR B 147 20.19 2.74 30.53
CA THR B 147 19.78 4.07 30.95
C THR B 147 18.40 4.37 30.37
N ILE B 148 18.24 4.19 29.05
CA ILE B 148 16.99 4.48 28.38
C ILE B 148 15.85 3.54 28.82
N LEU B 149 16.16 2.27 29.05
CA LEU B 149 15.25 1.31 29.66
C LEU B 149 14.70 1.81 30.99
N GLU B 150 15.59 2.32 31.85
CA GLU B 150 15.20 2.81 33.18
C GLU B 150 14.28 4.04 33.09
N GLN B 151 14.51 4.88 32.08
CA GLN B 151 13.68 6.05 31.76
C GLN B 151 12.27 5.67 31.33
N ILE B 152 12.18 4.57 30.60
CA ILE B 152 10.93 4.02 30.10
C ILE B 152 10.10 3.54 31.28
N ASP B 153 10.74 2.85 32.22
CA ASP B 153 10.08 2.37 33.43
C ASP B 153 9.66 3.53 34.33
N TYR B 154 10.40 4.64 34.27
CA TYR B 154 10.01 5.83 35.01
C TYR B 154 8.76 6.46 34.42
N ALA B 155 8.76 6.65 33.10
CA ALA B 155 7.62 7.27 32.38
C ALA B 155 6.34 6.47 32.59
N THR B 156 6.47 5.16 32.52
CA THR B 156 5.41 4.19 32.78
C THR B 156 4.81 4.34 34.19
N SER B 157 5.66 4.52 35.19
CA SER B 157 5.20 4.59 36.57
C SER B 157 4.48 5.90 36.88
N ILE B 158 4.73 6.95 36.08
CA ILE B 158 4.06 8.22 36.33
C ILE B 158 2.77 8.38 35.55
N GLY B 159 2.47 7.41 34.69
CA GLY B 159 1.18 7.37 34.01
C GLY B 159 1.24 7.55 32.50
N LEU B 160 2.42 7.80 31.94
CA LEU B 160 2.52 7.92 30.48
C LEU B 160 2.40 6.55 29.81
N ASN B 161 1.70 6.50 28.69
CA ASN B 161 1.61 5.32 27.83
C ASN B 161 2.82 5.35 26.91
N VAL B 162 3.60 4.28 26.93
CA VAL B 162 4.85 4.23 26.20
C VAL B 162 4.83 3.15 25.09
N LYS B 163 5.30 3.55 23.92
CA LYS B 163 5.60 2.62 22.84
C LYS B 163 7.05 2.88 22.46
N VAL B 164 7.69 1.90 21.85
CA VAL B 164 9.11 1.98 21.49
C VAL B 164 9.26 1.78 19.99
N ASN B 165 10.14 2.54 19.34
CA ASN B 165 10.43 2.39 17.92
C ASN B 165 11.85 1.98 17.64
N VAL B 166 12.00 0.91 16.86
CA VAL B 166 13.32 0.37 16.57
C VAL B 166 13.49 0.38 15.05
N VAL B 167 14.43 1.18 14.57
CA VAL B 167 14.77 1.16 13.14
C VAL B 167 15.84 0.10 12.91
N ILE B 168 15.49 -0.91 12.11
CA ILE B 168 16.35 -2.06 11.92
C ILE B 168 17.20 -1.94 10.66
N GLN B 169 18.53 -1.89 10.88
CA GLN B 169 19.49 -1.88 9.79
C GLN B 169 20.13 -3.26 9.85
N LYS B 170 20.23 -3.89 8.68
CA LYS B 170 20.63 -5.27 8.57
C LYS B 170 21.98 -5.54 9.23
N GLY B 171 22.95 -4.67 8.99
CA GLY B 171 24.36 -5.05 9.34
C GLY B 171 24.73 -4.64 10.75
N ILE B 172 23.75 -4.04 11.43
CA ILE B 172 23.97 -3.29 12.67
C ILE B 172 22.97 -3.69 13.78
N ASN B 173 21.68 -3.64 13.46
CA ASN B 173 20.55 -3.82 14.38
C ASN B 173 19.99 -5.22 14.43
N ASP B 174 19.99 -5.85 13.25
CA ASP B 174 19.45 -7.18 13.00
C ASP B 174 19.17 -8.08 14.21
N ASP B 175 20.18 -8.26 15.06
CA ASP B 175 20.13 -9.27 16.11
C ASP B 175 19.43 -8.81 17.39
N GLN B 176 18.95 -7.57 17.38
CA GLN B 176 18.24 -6.99 18.53
C GLN B 176 16.75 -7.33 18.51
N ILE B 177 16.23 -7.80 17.38
CA ILE B 177 14.79 -8.01 17.21
C ILE B 177 14.21 -8.92 18.30
N ILE B 178 14.82 -10.08 18.51
CA ILE B 178 14.33 -11.05 19.51
C ILE B 178 14.57 -10.63 20.98
N PRO B 179 15.79 -10.18 21.32
CA PRO B 179 16.00 -9.69 22.69
C PRO B 179 15.03 -8.57 23.09
N MET B 180 14.81 -7.61 22.20
CA MET B 180 13.90 -6.49 22.47
C MET B 180 12.45 -6.93 22.55
N LEU B 181 12.02 -7.79 21.65
CA LEU B 181 10.68 -8.35 21.72
C LEU B 181 10.41 -9.02 23.06
N GLU B 182 11.27 -9.96 23.42
CA GLU B 182 11.21 -10.67 24.69
C GLU B 182 11.17 -9.72 25.90
N TYR B 183 12.00 -8.68 25.87
CA TYR B 183 12.06 -7.73 26.99
C TYR B 183 10.74 -6.97 27.17
N PHE B 184 10.29 -6.29 26.12
CA PHE B 184 9.09 -5.47 26.20
C PHE B 184 7.79 -6.28 26.29
N LYS B 185 7.83 -7.53 25.85
CA LYS B 185 6.74 -8.48 26.07
C LYS B 185 6.46 -8.71 27.57
N ASP B 186 7.52 -8.94 28.35
CA ASP B 186 7.37 -9.15 29.78
C ASP B 186 6.91 -7.83 30.45
N LYS B 187 7.23 -6.71 29.80
CA LYS B 187 6.90 -5.36 30.30
C LYS B 187 5.52 -4.86 29.90
N HIS B 188 4.86 -5.55 28.96
CA HIS B 188 3.57 -5.12 28.40
C HIS B 188 3.67 -3.76 27.69
N ILE B 189 4.78 -3.56 26.99
CA ILE B 189 5.01 -2.38 26.16
C ILE B 189 5.05 -2.79 24.69
N GLU B 190 4.25 -2.10 23.90
CA GLU B 190 4.24 -2.27 22.46
C GLU B 190 5.53 -1.75 21.83
N ILE B 191 6.16 -2.60 21.03
CA ILE B 191 7.35 -2.24 20.30
C ILE B 191 7.03 -2.29 18.80
N ARG B 192 7.58 -1.34 18.05
CA ARG B 192 7.38 -1.35 16.61
C ARG B 192 8.72 -1.41 15.93
N PHE B 193 8.85 -2.34 14.99
CA PHE B 193 10.08 -2.46 14.23
C PHE B 193 9.86 -1.81 12.87
N ILE B 194 10.80 -0.96 12.47
CA ILE B 194 10.66 -0.11 11.30
C ILE B 194 11.73 -0.49 10.28
N GLU B 195 11.30 -0.65 9.03
CA GLU B 195 12.19 -0.86 7.92
C GLU B 195 13.09 0.37 7.73
N PHE B 196 14.37 0.11 7.56
CA PHE B 196 15.36 1.15 7.35
C PHE B 196 15.18 1.74 5.96
N MET B 197 15.06 3.07 5.88
CA MET B 197 14.85 3.74 4.60
C MET B 197 16.13 4.32 4.02
N ASP B 198 16.62 3.69 2.97
CA ASP B 198 17.79 4.18 2.27
C ASP B 198 17.52 4.20 0.78
N VAL B 199 17.91 5.29 0.13
CA VAL B 199 17.77 5.49 -1.31
C VAL B 199 19.11 5.28 -2.03
N GLY B 200 19.10 4.48 -3.10
CA GLY B 200 20.31 4.15 -3.82
C GLY B 200 20.64 5.15 -4.93
N ASN B 201 21.76 4.89 -5.59
CA ASN B 201 22.23 5.71 -6.71
C ASN B 201 21.28 5.71 -7.91
N ASP B 202 20.39 4.72 -7.94
CA ASP B 202 19.40 4.57 -9.02
C ASP B 202 18.07 5.23 -8.67
N ASN B 203 18.04 5.92 -7.53
CA ASN B 203 16.87 6.63 -7.02
C ASN B 203 15.76 5.72 -6.49
N GLY B 204 15.95 4.41 -6.59
CA GLY B 204 15.04 3.43 -5.98
C GLY B 204 15.46 3.15 -4.55
N TRP B 205 14.71 2.29 -3.86
CA TRP B 205 15.09 1.86 -2.52
C TRP B 205 16.37 1.06 -2.57
N ASP B 206 17.19 1.20 -1.53
CA ASP B 206 18.42 0.44 -1.38
C ASP B 206 18.12 -0.67 -0.38
N PHE B 207 18.14 -1.90 -0.85
CA PHE B 207 17.76 -3.06 -0.01
C PHE B 207 18.90 -3.74 0.73
N SER B 208 20.11 -3.19 0.61
CA SER B 208 21.29 -3.88 1.14
C SER B 208 21.38 -3.81 2.67
N LYS B 209 20.83 -2.75 3.26
CA LYS B 209 20.74 -2.67 4.73
C LYS B 209 19.34 -2.96 5.26
N VAL B 210 18.39 -3.26 4.36
CA VAL B 210 16.99 -3.49 4.74
C VAL B 210 16.72 -4.93 5.17
N VAL B 211 16.07 -5.06 6.32
CA VAL B 211 15.44 -6.31 6.74
C VAL B 211 13.95 -6.01 6.60
N THR B 212 13.32 -6.62 5.61
CA THR B 212 11.91 -6.32 5.35
C THR B 212 11.03 -6.88 6.47
N LYS B 213 9.87 -6.27 6.64
CA LYS B 213 8.82 -6.78 7.49
C LYS B 213 8.67 -8.30 7.32
N ASP B 214 8.62 -8.76 6.08
CA ASP B 214 8.43 -10.19 5.79
C ASP B 214 9.55 -11.12 6.30
N GLU B 215 10.80 -10.67 6.22
CA GLU B 215 11.91 -11.43 6.80
C GLU B 215 12.06 -11.25 8.30
N MET B 216 11.55 -10.14 8.84
CA MET B 216 11.45 -9.97 10.29
C MET B 216 10.47 -11.00 10.86
N LEU B 217 9.34 -11.15 10.16
CA LEU B 217 8.29 -12.07 10.57
C LEU B 217 8.73 -13.54 10.54
N THR B 218 9.48 -13.93 9.50
CA THR B 218 10.10 -15.26 9.46
C THR B 218 10.93 -15.50 10.72
N MET B 219 11.84 -14.56 11.00
CA MET B 219 12.62 -14.52 12.23
C MET B 219 11.79 -14.67 13.49
N ILE B 220 10.70 -13.90 13.57
CA ILE B 220 9.89 -13.84 14.78
C ILE B 220 9.15 -15.16 15.04
N GLU B 221 8.59 -15.74 13.98
CA GLU B 221 7.79 -16.97 14.10
C GLU B 221 8.58 -18.22 14.52
N GLN B 222 9.91 -18.13 14.48
CA GLN B 222 10.78 -19.19 14.94
C GLN B 222 10.92 -19.19 16.46
N HIS B 223 10.89 -18.00 17.05
CA HIS B 223 11.12 -17.83 18.48
C HIS B 223 9.84 -17.56 19.27
N PHE B 224 8.79 -17.10 18.60
CA PHE B 224 7.56 -16.71 19.27
C PHE B 224 6.31 -17.29 18.60
N GLU B 225 5.25 -17.46 19.40
CA GLU B 225 3.96 -17.94 18.90
C GLU B 225 3.03 -16.73 18.75
N ILE B 226 2.60 -16.49 17.51
CA ILE B 226 2.02 -15.21 17.10
C ILE B 226 0.63 -15.30 16.47
N ASP B 227 -0.17 -14.26 16.72
CA ASP B 227 -1.47 -14.06 16.05
C ASP B 227 -1.44 -12.75 15.29
N PRO B 228 -1.88 -12.76 14.02
CA PRO B 228 -1.98 -11.48 13.34
C PRO B 228 -3.16 -10.68 13.90
N VAL B 229 -2.98 -9.39 14.12
CA VAL B 229 -4.05 -8.56 14.66
C VAL B 229 -4.70 -7.75 13.56
N GLU B 230 -6.03 -7.85 13.47
CA GLU B 230 -6.83 -7.08 12.52
C GLU B 230 -6.62 -5.59 12.74
N PRO B 231 -6.45 -4.82 11.65
CA PRO B 231 -6.20 -3.39 11.78
C PRO B 231 -7.34 -2.69 12.52
N LYS B 232 -6.98 -1.88 13.52
CA LYS B 232 -7.94 -1.26 14.43
C LYS B 232 -8.94 -0.39 13.66
N TYR B 233 -8.43 0.31 12.65
CA TYR B 233 -9.23 1.15 11.77
C TYR B 233 -8.66 1.06 10.36
N PHE B 234 -9.41 1.58 9.38
CA PHE B 234 -8.97 1.56 7.99
C PHE B 234 -7.71 2.42 7.78
N GLY B 235 -6.77 1.89 7.00
CA GLY B 235 -5.51 2.59 6.70
C GLY B 235 -4.54 2.74 7.88
N GLU B 236 -4.67 1.87 8.86
CA GLU B 236 -3.70 1.82 9.93
C GLU B 236 -2.41 1.35 9.28
N VAL B 237 -1.31 2.02 9.60
CA VAL B 237 -0.04 1.81 8.88
C VAL B 237 0.72 0.56 9.33
N ALA B 238 0.98 0.46 10.64
CA ALA B 238 1.68 -0.67 11.25
C ALA B 238 0.90 -1.98 11.11
N LYS B 239 1.63 -3.07 10.91
CA LYS B 239 1.05 -4.41 10.92
C LYS B 239 1.19 -4.98 12.32
N TYR B 240 0.07 -5.39 12.90
CA TYR B 240 0.06 -5.76 14.30
C TYR B 240 -0.05 -7.24 14.54
N TYR B 241 0.73 -7.71 15.50
CA TYR B 241 0.75 -9.10 15.90
C TYR B 241 0.62 -9.18 17.41
N ARG B 242 0.27 -10.36 17.91
CA ARG B 242 -0.05 -10.55 19.30
C ARG B 242 0.60 -11.84 19.78
N HIS B 243 1.38 -11.72 20.85
CA HIS B 243 1.94 -12.88 21.53
C HIS B 243 0.79 -13.74 22.02
N LYS B 244 0.85 -15.03 21.74
CA LYS B 244 -0.28 -15.91 21.97
C LYS B 244 -0.57 -16.21 23.45
N ASP B 245 0.44 -16.13 24.32
CA ASP B 245 0.24 -16.44 25.75
C ASP B 245 -0.34 -15.28 26.56
N ASN B 246 0.32 -14.13 26.51
CA ASN B 246 -0.10 -12.97 27.32
C ASN B 246 -0.80 -11.84 26.55
N GLY B 247 -0.88 -11.98 25.23
CA GLY B 247 -1.62 -11.03 24.40
C GLY B 247 -0.97 -9.68 24.11
N VAL B 248 0.31 -9.53 24.46
CA VAL B 248 1.03 -8.27 24.21
C VAL B 248 1.20 -8.06 22.70
N GLN B 249 0.84 -6.88 22.21
CA GLN B 249 0.95 -6.57 20.81
C GLN B 249 2.31 -5.98 20.44
N PHE B 250 2.79 -6.30 19.24
CA PHE B 250 3.91 -5.59 18.65
C PHE B 250 3.61 -5.27 17.18
N GLY B 251 4.37 -4.34 16.62
CA GLY B 251 4.12 -3.89 15.26
C GLY B 251 5.32 -3.96 14.32
N LEU B 252 5.03 -4.07 13.04
CA LEU B 252 6.04 -4.03 11.99
C LEU B 252 5.64 -2.99 10.97
N ILE B 253 6.54 -2.07 10.67
CA ILE B 253 6.21 -0.96 9.77
C ILE B 253 6.91 -1.10 8.43
N THR B 254 6.09 -1.20 7.38
CA THR B 254 6.56 -1.52 6.04
C THR B 254 6.95 -0.26 5.30
N SER B 255 7.83 0.54 5.90
CA SER B 255 8.29 1.81 5.33
C SER B 255 8.67 1.70 3.87
N VAL B 256 9.35 0.61 3.53
CA VAL B 256 9.97 0.45 2.23
C VAL B 256 9.32 -0.68 1.39
N SER B 257 8.94 -1.78 2.03
CA SER B 257 8.35 -2.92 1.30
C SER B 257 6.89 -2.67 0.89
N GLN B 258 6.23 -1.73 1.57
CA GLN B 258 4.85 -1.36 1.26
C GLN B 258 4.57 0.05 1.70
N SER B 259 5.08 1.02 0.95
CA SER B 259 4.93 2.43 1.29
C SER B 259 3.47 2.86 1.21
N PHE B 260 3.12 3.85 2.03
CA PHE B 260 1.72 4.15 2.34
C PHE B 260 1.41 5.66 2.23
N CYS B 261 1.99 6.33 1.24
CA CYS B 261 1.71 7.75 1.00
C CYS B 261 0.24 8.07 0.70
N SER B 262 -0.52 7.07 0.26
CA SER B 262 -1.93 7.27 -0.14
C SER B 262 -2.81 7.69 1.02
N THR B 263 -2.43 7.26 2.22
CA THR B 263 -3.19 7.58 3.41
C THR B 263 -2.46 8.60 4.28
N CYS B 264 -1.50 9.32 3.71
CA CYS B 264 -0.71 10.28 4.50
C CYS B 264 -1.44 11.62 4.69
N THR B 265 -1.77 11.91 5.93
CA THR B 265 -2.58 13.06 6.28
C THR B 265 -1.81 14.08 7.13
N ALA B 266 -0.48 14.09 7.01
CA ALA B 266 0.39 14.87 7.88
C ALA B 266 1.06 16.08 7.21
N ALA B 267 0.98 17.21 7.92
CA ALA B 267 1.76 18.38 7.60
C ALA B 267 2.92 18.43 8.59
N ALA B 268 4.03 19.04 8.20
CA ALA B 268 5.16 19.22 9.09
C ALA B 268 5.56 20.68 9.20
N LEU B 269 6.03 21.05 10.39
CA LEU B 269 6.55 22.39 10.65
C LEU B 269 7.91 22.22 11.30
N SER B 270 8.95 22.75 10.66
CA SER B 270 10.32 22.60 11.13
C SER B 270 10.62 23.51 12.30
N SER B 271 11.72 23.25 13.00
CA SER B 271 12.14 24.09 14.12
C SER B 271 12.42 25.54 13.73
N ASP B 272 12.89 25.77 12.49
CA ASP B 272 13.04 27.12 11.97
C ASP B 272 11.75 27.75 11.38
N GLY B 273 10.64 27.01 11.43
CA GLY B 273 9.32 27.56 11.13
C GLY B 273 8.89 27.48 9.67
N LYS B 274 9.31 26.42 8.99
CA LYS B 274 8.92 26.23 7.61
C LYS B 274 7.93 25.10 7.51
N PHE B 275 6.99 25.23 6.59
CA PHE B 275 6.01 24.19 6.29
C PHE B 275 6.57 23.18 5.29
N TYR B 276 6.36 21.90 5.57
CA TYR B 276 6.59 20.83 4.60
C TYR B 276 5.37 19.92 4.52
N GLY B 277 5.09 19.39 3.33
CA GLY B 277 4.01 18.43 3.13
C GLY B 277 4.48 17.00 3.18
N CYS B 278 5.77 16.82 3.49
CA CYS B 278 6.40 15.50 3.56
C CYS B 278 7.58 15.58 4.53
N LEU B 279 7.68 14.58 5.40
CA LEU B 279 8.83 14.45 6.30
C LEU B 279 10.17 14.35 5.57
N PHE B 280 10.14 14.15 4.25
CA PHE B 280 11.34 14.24 3.39
C PHE B 280 11.08 15.28 2.31
N ALA B 281 11.94 16.29 2.20
CA ALA B 281 11.72 17.33 1.19
C ALA B 281 13.00 18.07 0.82
N THR B 282 13.31 18.05 -0.48
CA THR B 282 14.49 18.71 -1.05
C THR B 282 14.27 20.21 -1.15
N VAL B 283 13.00 20.59 -1.39
CA VAL B 283 12.64 22.00 -1.61
C VAL B 283 12.33 22.73 -0.30
N ASP B 284 12.99 23.87 -0.11
CA ASP B 284 12.74 24.72 1.06
C ASP B 284 11.28 25.11 1.13
N GLY B 285 10.67 24.85 2.29
CA GLY B 285 9.23 24.96 2.46
C GLY B 285 8.78 26.40 2.52
N PHE B 286 7.47 26.59 2.63
CA PHE B 286 6.91 27.92 2.80
C PHE B 286 7.34 28.46 4.16
N ASN B 287 7.97 29.63 4.15
CA ASN B 287 8.41 30.26 5.39
C ASN B 287 7.23 30.84 6.19
N VAL B 288 6.71 30.03 7.10
CA VAL B 288 5.58 30.37 7.96
C VAL B 288 5.99 31.43 8.99
N LYS B 289 7.24 31.35 9.42
CA LYS B 289 7.81 32.26 10.43
C LYS B 289 7.84 33.71 9.93
N ALA B 290 8.45 33.92 8.77
CA ALA B 290 8.51 35.25 8.15
C ALA B 290 7.11 35.76 7.80
N PHE B 291 6.20 34.85 7.48
CA PHE B 291 4.82 35.18 7.14
C PHE B 291 4.06 35.73 8.36
N ILE B 292 4.20 35.03 9.49
CA ILE B 292 3.55 35.38 10.74
C ILE B 292 4.14 36.66 11.38
N ARG B 293 5.46 36.78 11.29
CA ARG B 293 6.17 37.92 11.87
C ARG B 293 6.04 39.20 11.04
N SER B 294 5.45 39.11 9.85
CA SER B 294 5.19 40.30 9.02
C SER B 294 3.89 41.02 9.40
N GLY B 295 3.01 40.32 10.12
CA GLY B 295 1.77 40.92 10.63
C GLY B 295 0.56 40.46 9.87
N VAL B 296 0.08 39.24 10.20
CA VAL B 296 -1.08 38.65 9.53
C VAL B 296 -2.18 38.26 10.52
N THR B 297 -3.45 38.42 10.08
CA THR B 297 -4.61 37.97 10.86
C THR B 297 -4.76 36.45 10.76
N ASP B 298 -5.63 35.89 11.60
CA ASP B 298 -5.86 34.44 11.65
C ASP B 298 -6.52 33.90 10.40
N GLU B 299 -7.28 34.75 9.72
CA GLU B 299 -7.94 34.36 8.48
C GLU B 299 -6.94 34.28 7.33
N GLU B 300 -5.97 35.17 7.31
CA GLU B 300 -4.92 35.19 6.28
C GLU B 300 -3.93 34.05 6.48
N LEU B 301 -3.75 33.66 7.74
CA LEU B 301 -2.95 32.50 8.10
C LEU B 301 -3.68 31.22 7.70
N LYS B 302 -4.98 31.18 7.99
CA LYS B 302 -5.86 30.07 7.63
C LYS B 302 -5.96 29.86 6.13
N GLU B 303 -6.07 30.96 5.38
CA GLU B 303 -6.17 30.90 3.91
C GLU B 303 -4.82 30.48 3.30
N GLN B 304 -3.73 30.80 3.99
CA GLN B 304 -2.40 30.36 3.58
C GLN B 304 -2.19 28.87 3.77
N PHE B 305 -2.51 28.36 4.97
CA PHE B 305 -2.37 26.93 5.27
C PHE B 305 -3.25 26.07 4.37
N LYS B 306 -4.45 26.55 4.08
CA LYS B 306 -5.42 25.84 3.28
C LYS B 306 -4.94 25.75 1.84
N ALA B 307 -4.44 26.88 1.32
CA ALA B 307 -3.85 26.94 -0.02
C ALA B 307 -2.65 25.99 -0.11
N LEU B 308 -1.77 26.02 0.89
CA LEU B 308 -0.58 25.16 0.92
C LEU B 308 -0.93 23.67 0.92
N TRP B 309 -2.00 23.29 1.62
CA TRP B 309 -2.43 21.91 1.66
C TRP B 309 -3.07 21.47 0.34
N GLN B 310 -4.04 22.26 -0.14
CA GLN B 310 -4.72 21.97 -1.41
C GLN B 310 -3.75 21.72 -2.58
N ILE B 311 -2.56 22.30 -2.46
CA ILE B 311 -1.54 22.27 -3.51
C ILE B 311 -0.52 21.14 -3.29
N ARG B 312 -0.60 20.47 -2.13
CA ARG B 312 0.29 19.38 -1.77
C ARG B 312 0.09 18.13 -2.64
N ASP B 313 1.19 17.59 -3.16
CA ASP B 313 1.16 16.33 -3.90
C ASP B 313 2.30 15.39 -3.50
N ASP B 314 2.82 15.57 -2.28
CA ASP B 314 3.96 14.80 -1.78
C ASP B 314 3.66 13.31 -1.62
N ARG B 315 4.63 12.49 -2.00
CA ARG B 315 4.48 11.03 -2.06
C ARG B 315 5.85 10.39 -2.22
N TYR B 316 6.81 10.90 -1.46
CA TYR B 316 8.21 10.52 -1.56
C TYR B 316 8.48 9.02 -1.57
N SER B 317 8.01 8.30 -0.56
CA SER B 317 8.18 6.85 -0.47
C SER B 317 7.55 6.09 -1.67
N ASP B 318 6.33 6.47 -2.05
CA ASP B 318 5.71 5.91 -3.24
C ASP B 318 6.51 6.18 -4.52
N GLU B 319 7.11 7.37 -4.63
CA GLU B 319 8.01 7.70 -5.75
C GLU B 319 9.21 6.78 -5.86
N ARG B 320 9.79 6.42 -4.70
CA ARG B 320 10.96 5.53 -4.63
C ARG B 320 10.52 4.09 -4.93
N THR B 321 9.35 3.74 -4.44
CA THR B 321 8.72 2.45 -4.75
C THR B 321 8.55 2.27 -6.25
N ALA B 322 8.01 3.29 -6.90
CA ALA B 322 7.76 3.24 -8.35
C ALA B 322 9.05 3.19 -9.17
N GLN B 323 10.10 3.88 -8.71
CA GLN B 323 11.43 3.84 -9.32
C GLN B 323 12.11 2.48 -9.12
N THR B 324 11.99 1.93 -7.91
CA THR B 324 12.43 0.55 -7.61
C THR B 324 11.81 -0.45 -8.61
N VAL B 325 10.48 -0.41 -8.79
CA VAL B 325 9.84 -1.22 -9.83
C VAL B 325 10.45 -0.93 -11.20
N ALA B 326 10.65 0.35 -11.52
CA ALA B 326 11.25 0.71 -12.82
C ALA B 326 12.69 0.21 -12.97
N ASN B 327 13.42 0.13 -11.85
CA ASN B 327 14.79 -0.40 -11.85
C ASN B 327 14.87 -1.92 -12.04
N ARG B 328 13.98 -2.66 -11.37
CA ARG B 328 13.91 -4.12 -11.54
C ARG B 328 13.62 -4.45 -12.99
N GLN B 329 13.19 -3.44 -13.75
CA GLN B 329 13.28 -3.43 -15.23
C GLN B 329 13.45 -4.80 -15.86
#